data_5LJ4
# 
_entry.id   5LJ4 
# 
_audit_conform.dict_name       mmcif_pdbx.dic 
_audit_conform.dict_version    5.383 
_audit_conform.dict_location   http://mmcif.pdb.org/dictionaries/ascii/mmcif_pdbx.dic 
# 
loop_
_database_2.database_id 
_database_2.database_code 
_database_2.pdbx_database_accession 
_database_2.pdbx_DOI 
PDB   5LJ4         pdb_00005lj4 10.2210/pdb5lj4/pdb 
WWPDB D_1200000822 ?            ?                   
# 
loop_
_pdbx_audit_revision_history.ordinal 
_pdbx_audit_revision_history.data_content_type 
_pdbx_audit_revision_history.major_revision 
_pdbx_audit_revision_history.minor_revision 
_pdbx_audit_revision_history.revision_date 
1 'Structure model' 1 0 2017-05-03 
2 'Structure model' 1 1 2017-05-17 
3 'Structure model' 1 2 2017-08-30 
4 'Structure model' 1 3 2024-01-10 
# 
_pdbx_audit_revision_details.ordinal             1 
_pdbx_audit_revision_details.revision_ordinal    1 
_pdbx_audit_revision_details.data_content_type   'Structure model' 
_pdbx_audit_revision_details.provider            repository 
_pdbx_audit_revision_details.type                'Initial release' 
_pdbx_audit_revision_details.description         ? 
_pdbx_audit_revision_details.details             ? 
# 
loop_
_pdbx_audit_revision_group.ordinal 
_pdbx_audit_revision_group.revision_ordinal 
_pdbx_audit_revision_group.data_content_type 
_pdbx_audit_revision_group.group 
1 2 'Structure model' 'Database references'        
2 3 'Structure model' 'Author supporting evidence' 
3 4 'Structure model' 'Data collection'            
4 4 'Structure model' 'Database references'        
5 4 'Structure model' 'Derived calculations'       
6 4 'Structure model' 'Refinement description'     
# 
loop_
_pdbx_audit_revision_category.ordinal 
_pdbx_audit_revision_category.revision_ordinal 
_pdbx_audit_revision_category.data_content_type 
_pdbx_audit_revision_category.category 
1 3 'Structure model' pdbx_audit_support            
2 4 'Structure model' chem_comp_atom                
3 4 'Structure model' chem_comp_bond                
4 4 'Structure model' database_2                    
5 4 'Structure model' pdbx_initial_refinement_model 
6 4 'Structure model' struct_conn                   
# 
loop_
_pdbx_audit_revision_item.ordinal 
_pdbx_audit_revision_item.revision_ordinal 
_pdbx_audit_revision_item.data_content_type 
_pdbx_audit_revision_item.item 
1  3 'Structure model' '_pdbx_audit_support.funding_organization' 
2  4 'Structure model' '_database_2.pdbx_DOI'                     
3  4 'Structure model' '_database_2.pdbx_database_accession'      
4  4 'Structure model' '_struct_conn.conn_type_id'                
5  4 'Structure model' '_struct_conn.id'                          
6  4 'Structure model' '_struct_conn.pdbx_dist_value'             
7  4 'Structure model' '_struct_conn.pdbx_leaving_atom_flag'      
8  4 'Structure model' '_struct_conn.ptnr1_auth_asym_id'          
9  4 'Structure model' '_struct_conn.ptnr1_auth_comp_id'          
10 4 'Structure model' '_struct_conn.ptnr1_auth_seq_id'           
11 4 'Structure model' '_struct_conn.ptnr1_label_asym_id'         
12 4 'Structure model' '_struct_conn.ptnr1_label_atom_id'         
13 4 'Structure model' '_struct_conn.ptnr1_label_comp_id'         
14 4 'Structure model' '_struct_conn.ptnr1_label_seq_id'          
15 4 'Structure model' '_struct_conn.ptnr1_symmetry'              
16 4 'Structure model' '_struct_conn.ptnr2_auth_asym_id'          
17 4 'Structure model' '_struct_conn.ptnr2_auth_comp_id'          
18 4 'Structure model' '_struct_conn.ptnr2_auth_seq_id'           
19 4 'Structure model' '_struct_conn.ptnr2_label_asym_id'         
20 4 'Structure model' '_struct_conn.ptnr2_label_atom_id'         
21 4 'Structure model' '_struct_conn.ptnr2_label_comp_id'         
22 4 'Structure model' '_struct_conn.ptnr2_label_seq_id'          
23 4 'Structure model' '_struct_conn.ptnr2_symmetry'              
# 
_pdbx_database_status.status_code                     REL 
_pdbx_database_status.status_code_sf                  REL 
_pdbx_database_status.status_code_mr                  ? 
_pdbx_database_status.entry_id                        5LJ4 
_pdbx_database_status.recvd_initial_deposition_date   2016-07-17 
_pdbx_database_status.SG_entry                        N 
_pdbx_database_status.deposit_site                    PDBE 
_pdbx_database_status.process_site                    PDBE 
_pdbx_database_status.status_code_cs                  ? 
_pdbx_database_status.methods_development_category    ? 
_pdbx_database_status.pdb_format_compatible           Y 
_pdbx_database_status.status_code_nmr_data            ? 
# 
loop_
_audit_author.name 
_audit_author.pdbx_ordinal 
'Agnew, C.R.J.' 1 
'Brady, R.L.'   2 
# 
_citation.abstract                  ? 
_citation.abstract_id_CAS           ? 
_citation.book_id_ISBN              ? 
_citation.book_publisher            ? 
_citation.book_publisher_city       ? 
_citation.book_title                ? 
_citation.coordinate_linkage        ? 
_citation.country                   US 
_citation.database_id_Medline       ? 
_citation.details                   ? 
_citation.id                        primary 
_citation.journal_abbrev            Chem 
_citation.journal_id_ASTM           ? 
_citation.journal_id_CSD            ? 
_citation.journal_id_ISSN           2451-9294 
_citation.journal_full              ? 
_citation.journal_issue             ? 
_citation.journal_volume            1 
_citation.language                  ? 
_citation.page_first                946 
_citation.page_last                 958 
_citation.title                     'Structural Basis of the Mispairing of an Artificially Expanded Genetic Information System' 
_citation.year                      2016 
_citation.database_id_CSD           ? 
_citation.pdbx_database_id_DOI      10.1016/j.chempr.2016.11.009 
_citation.pdbx_database_id_PubMed   ? 
_citation.unpublished_flag          ? 
# 
loop_
_citation_author.citation_id 
_citation_author.name 
_citation_author.ordinal 
_citation_author.identifier_ORCID 
primary 'Reichenbach, L.F.' 1  ? 
primary 'Sobri, A.A.'       2  ? 
primary 'Zaccai, N.R.'      3  ? 
primary 'Agnew, C.R.J.'     4  ? 
primary 'Burton, N.'        5  ? 
primary 'Eperon, L.P.'      6  ? 
primary 'de Ornellas, S.'   7  ? 
primary 'Eperon, I.C.'      8  ? 
primary 'Brady, R.L.'       9  ? 
primary 'Burley, G.A.'      10 ? 
# 
loop_
_entity.id 
_entity.type 
_entity.src_method 
_entity.pdbx_description 
_entity.formula_weight 
_entity.pdbx_number_of_molecules 
_entity.pdbx_ec 
_entity.pdbx_mutation 
_entity.pdbx_fragment 
_entity.details 
1 polymer     syn ODN2          3709.418 2 ? ? ? ? 
2 non-polymer syn 'CALCIUM ION' 40.078   4 ? ? ? ? 
3 water       nat water         18.015   5 ? ? ? ? 
# 
_entity_poly.entity_id                      1 
_entity_poly.type                           polydeoxyribonucleotide 
_entity_poly.nstd_linkage                   no 
_entity_poly.nstd_monomer                   yes 
_entity_poly.pdbx_seq_one_letter_code       '(DC)(DG)(DC)(1WA)(DA)(DA)(DT)(DT)(1W5)(DG)(DC)(DG)' 
_entity_poly.pdbx_seq_one_letter_code_can   CGCXAATTXGCG 
_entity_poly.pdbx_strand_id                 A,B 
_entity_poly.pdbx_target_identifier         ? 
# 
loop_
_pdbx_entity_nonpoly.entity_id 
_pdbx_entity_nonpoly.name 
_pdbx_entity_nonpoly.comp_id 
2 'CALCIUM ION' CA  
3 water         HOH 
# 
loop_
_entity_poly_seq.entity_id 
_entity_poly_seq.num 
_entity_poly_seq.mon_id 
_entity_poly_seq.hetero 
1 1  DC  n 
1 2  DG  n 
1 3  DC  n 
1 4  1WA n 
1 5  DA  n 
1 6  DA  n 
1 7  DT  n 
1 8  DT  n 
1 9  1W5 n 
1 10 DG  n 
1 11 DC  n 
1 12 DG  n 
# 
_pdbx_entity_src_syn.entity_id              1 
_pdbx_entity_src_syn.pdbx_src_id            1 
_pdbx_entity_src_syn.pdbx_alt_source_flag   sample 
_pdbx_entity_src_syn.pdbx_beg_seq_num       1 
_pdbx_entity_src_syn.pdbx_end_seq_num       12 
_pdbx_entity_src_syn.organism_scientific    'Homo sapiens' 
_pdbx_entity_src_syn.organism_common_name   human 
_pdbx_entity_src_syn.ncbi_taxonomy_id       9606 
_pdbx_entity_src_syn.details                ? 
# 
loop_
_chem_comp.id 
_chem_comp.type 
_chem_comp.mon_nstd_flag 
_chem_comp.name 
_chem_comp.pdbx_synonyms 
_chem_comp.formula 
_chem_comp.formula_weight 
1W5 'DNA linking' . '(1R)-1-(6-amino-2-hydroxy-5-nitropyridin-3-yl)-1,4-anhydro-2-deoxy-5-O-phosphono-D-erythro-pentitol' ? 
'C10 H14 N3 O9 P'   351.207 
1WA 'DNA linking' . 
'2-amino-8-(2-deoxy-5-O-phosphono-beta-D-erythro-pentofuranosyl)-4-hydroxy-1H-imidazo[1,2-a][1,3,5]triazine-5,8-diium' ? 
'C10 H16 N5 O7 P 2' 349.237 
CA  non-polymer   . 'CALCIUM ION' ? 'Ca 2'              40.078  
DA  'DNA linking' y "2'-DEOXYADENOSINE-5'-MONOPHOSPHATE" ? 'C10 H14 N5 O6 P'   331.222 
DC  'DNA linking' y "2'-DEOXYCYTIDINE-5'-MONOPHOSPHATE" ? 'C9 H14 N3 O7 P'    307.197 
DG  'DNA linking' y "2'-DEOXYGUANOSINE-5'-MONOPHOSPHATE" ? 'C10 H14 N5 O7 P'   347.221 
DT  'DNA linking' y "THYMIDINE-5'-MONOPHOSPHATE" ? 'C10 H15 N2 O8 P'   322.208 
HOH non-polymer   . WATER ? 'H2 O'              18.015  
# 
loop_
_pdbx_poly_seq_scheme.asym_id 
_pdbx_poly_seq_scheme.entity_id 
_pdbx_poly_seq_scheme.seq_id 
_pdbx_poly_seq_scheme.mon_id 
_pdbx_poly_seq_scheme.ndb_seq_num 
_pdbx_poly_seq_scheme.pdb_seq_num 
_pdbx_poly_seq_scheme.auth_seq_num 
_pdbx_poly_seq_scheme.pdb_mon_id 
_pdbx_poly_seq_scheme.auth_mon_id 
_pdbx_poly_seq_scheme.pdb_strand_id 
_pdbx_poly_seq_scheme.pdb_ins_code 
_pdbx_poly_seq_scheme.hetero 
A 1 1  DC  1  1  ?  ?   ?   A . n 
A 1 2  DG  2  2  2  DG  DG  A . n 
A 1 3  DC  3  3  3  DC  DC  A . n 
A 1 4  1WA 4  4  4  1WA 1WA A . n 
A 1 5  DA  5  5  5  DA  DA  A . n 
A 1 6  DA  6  6  6  DA  DA  A . n 
A 1 7  DT  7  7  7  DT  DT  A . n 
A 1 8  DT  8  8  8  DT  DT  A . n 
A 1 9  1W5 9  9  9  1W5 1W5 A . n 
A 1 10 DG  10 10 10 DG  DG  A . n 
A 1 11 DC  11 11 11 DC  DC  A . n 
A 1 12 DG  12 12 12 DG  DG  A . n 
B 1 1  DC  1  13 ?  ?   ?   B . n 
B 1 2  DG  2  14 14 DG  DG  B . n 
B 1 3  DC  3  15 15 DC  DC  B . n 
B 1 4  1WA 4  16 16 1WA 1WA B . n 
B 1 5  DA  5  17 17 DA  DA  B . n 
B 1 6  DA  6  18 18 DA  DA  B . n 
B 1 7  DT  7  19 19 DT  DT  B . n 
B 1 8  DT  8  20 20 DT  DT  B . n 
B 1 9  1W5 9  21 21 1W5 1W5 B . n 
B 1 10 DG  10 22 22 DG  DG  B . n 
B 1 11 DC  11 23 23 DC  DC  B . n 
B 1 12 DG  12 24 24 DG  DG  B . n 
# 
loop_
_pdbx_nonpoly_scheme.asym_id 
_pdbx_nonpoly_scheme.entity_id 
_pdbx_nonpoly_scheme.mon_id 
_pdbx_nonpoly_scheme.ndb_seq_num 
_pdbx_nonpoly_scheme.pdb_seq_num 
_pdbx_nonpoly_scheme.auth_seq_num 
_pdbx_nonpoly_scheme.pdb_mon_id 
_pdbx_nonpoly_scheme.auth_mon_id 
_pdbx_nonpoly_scheme.pdb_strand_id 
_pdbx_nonpoly_scheme.pdb_ins_code 
C 2 CA  1 101 1  CA  CA  A . 
D 2 CA  1 102 3  CA  CA  A . 
E 2 CA  1 103 4  CA  CA  A . 
F 2 CA  1 101 5  CA  CA  B . 
G 3 HOH 1 201 29 HOH HOH A . 
G 3 HOH 2 202 26 HOH HOH A . 
G 3 HOH 3 203 13 HOH HOH A . 
H 3 HOH 1 201 25 HOH HOH B . 
H 3 HOH 2 202 4  HOH HOH B . 
# 
loop_
_software.citation_id 
_software.classification 
_software.compiler_name 
_software.compiler_version 
_software.contact_author 
_software.contact_author_email 
_software.date 
_software.description 
_software.dependencies 
_software.hardware 
_software.language 
_software.location 
_software.mods 
_software.name 
_software.os 
_software.os_version 
_software.type 
_software.version 
_software.pdbx_ordinal 
? 'data scaling'    ? ? ? ? ? ? ? ? ? ? ? Aimless     ? ? ? .        1 
? 'data reduction'  ? ? ? ? ? ? ? ? ? ? ? MOSFLM      ? ? ? .        2 
? phasing           ? ? ? ? ? ? ? ? ? ? ? PHASER      ? ? ? .        3 
? refinement        ? ? ? ? ? ? ? ? ? ? ? REFMAC      ? ? ? 5.8.0135 4 
? 'data extraction' ? ? ? ? ? ? ? ? ? ? ? PDB_EXTRACT ? ? ? 3.20     5 
# 
_cell.angle_alpha                  90.000 
_cell.angle_alpha_esd              ? 
_cell.angle_beta                   90.000 
_cell.angle_beta_esd               ? 
_cell.angle_gamma                  120.000 
_cell.angle_gamma_esd              ? 
_cell.entry_id                     5LJ4 
_cell.details                      ? 
_cell.formula_units_Z              ? 
_cell.length_a                     41.700 
_cell.length_a_esd                 ? 
_cell.length_b                     41.700 
_cell.length_b_esd                 ? 
_cell.length_c                     99.932 
_cell.length_c_esd                 ? 
_cell.volume                       ? 
_cell.volume_esd                   ? 
_cell.Z_PDB                        18 
_cell.reciprocal_angle_alpha       ? 
_cell.reciprocal_angle_beta        ? 
_cell.reciprocal_angle_gamma       ? 
_cell.reciprocal_angle_alpha_esd   ? 
_cell.reciprocal_angle_beta_esd    ? 
_cell.reciprocal_angle_gamma_esd   ? 
_cell.reciprocal_length_a          ? 
_cell.reciprocal_length_b          ? 
_cell.reciprocal_length_c          ? 
_cell.reciprocal_length_a_esd      ? 
_cell.reciprocal_length_b_esd      ? 
_cell.reciprocal_length_c_esd      ? 
_cell.pdbx_unique_axis             ? 
# 
_symmetry.entry_id                         5LJ4 
_symmetry.cell_setting                     ? 
_symmetry.Int_Tables_number                146 
_symmetry.space_group_name_Hall            ? 
_symmetry.space_group_name_H-M             'H 3' 
_symmetry.pdbx_full_space_group_name_H-M   ? 
# 
_exptl.absorpt_coefficient_mu     ? 
_exptl.absorpt_correction_T_max   ? 
_exptl.absorpt_correction_T_min   ? 
_exptl.absorpt_correction_type    ? 
_exptl.absorpt_process_details    ? 
_exptl.entry_id                   5LJ4 
_exptl.crystals_number            1 
_exptl.details                    ? 
_exptl.method                     'X-RAY DIFFRACTION' 
_exptl.method_details             ? 
# 
_exptl_crystal.colour                      ? 
_exptl_crystal.density_diffrn              ? 
_exptl_crystal.density_Matthews            2.44 
_exptl_crystal.density_method              ? 
_exptl_crystal.density_percent_sol         49.68 
_exptl_crystal.description                 ? 
_exptl_crystal.F_000                       ? 
_exptl_crystal.id                          1 
_exptl_crystal.preparation                 ? 
_exptl_crystal.size_max                    ? 
_exptl_crystal.size_mid                    ? 
_exptl_crystal.size_min                    ? 
_exptl_crystal.size_rad                    ? 
_exptl_crystal.colour_lustre               ? 
_exptl_crystal.colour_modifier             ? 
_exptl_crystal.colour_primary              ? 
_exptl_crystal.density_meas                ? 
_exptl_crystal.density_meas_esd            ? 
_exptl_crystal.density_meas_gt             ? 
_exptl_crystal.density_meas_lt             ? 
_exptl_crystal.density_meas_temp           ? 
_exptl_crystal.density_meas_temp_esd       ? 
_exptl_crystal.density_meas_temp_gt        ? 
_exptl_crystal.density_meas_temp_lt        ? 
_exptl_crystal.pdbx_crystal_image_url      ? 
_exptl_crystal.pdbx_crystal_image_format   ? 
_exptl_crystal.pdbx_mosaicity              ? 
_exptl_crystal.pdbx_mosaicity_esd          ? 
# 
_exptl_crystal_grow.apparatus       ? 
_exptl_crystal_grow.atmosphere      ? 
_exptl_crystal_grow.crystal_id      1 
_exptl_crystal_grow.details         ? 
_exptl_crystal_grow.method          'VAPOR DIFFUSION, HANGING DROP' 
_exptl_crystal_grow.method_ref      ? 
_exptl_crystal_grow.pH              7.0 
_exptl_crystal_grow.pressure        ? 
_exptl_crystal_grow.pressure_esd    ? 
_exptl_crystal_grow.seeding         ? 
_exptl_crystal_grow.seeding_ref     ? 
_exptl_crystal_grow.temp            298 
_exptl_crystal_grow.temp_details    ? 
_exptl_crystal_grow.temp_esd        ? 
_exptl_crystal_grow.time            ? 
_exptl_crystal_grow.pdbx_details    
;20 mM Sodium Cacodylate, pH 7.0
600 mM Calcium chloride
50% hexylene glycol
;
_exptl_crystal_grow.pdbx_pH_range   ? 
# 
_diffrn.ambient_environment    ? 
_diffrn.ambient_temp           63 
_diffrn.ambient_temp_details   ? 
_diffrn.ambient_temp_esd       ? 
_diffrn.crystal_id             1 
_diffrn.crystal_support        ? 
_diffrn.crystal_treatment      ? 
_diffrn.details                ? 
_diffrn.id                     1 
_diffrn.ambient_pressure       ? 
_diffrn.ambient_pressure_esd   ? 
_diffrn.ambient_pressure_gt    ? 
_diffrn.ambient_pressure_lt    ? 
_diffrn.ambient_temp_gt        ? 
_diffrn.ambient_temp_lt        ? 
# 
_diffrn_detector.details                      ? 
_diffrn_detector.detector                     PIXEL 
_diffrn_detector.diffrn_id                    1 
_diffrn_detector.type                         'DECTRIS PILATUS 2M' 
_diffrn_detector.area_resol_mean              ? 
_diffrn_detector.dtime                        ? 
_diffrn_detector.pdbx_frames_total            ? 
_diffrn_detector.pdbx_collection_time_total   ? 
_diffrn_detector.pdbx_collection_date         2013-05-27 
# 
_diffrn_radiation.collimation                      ? 
_diffrn_radiation.diffrn_id                        1 
_diffrn_radiation.filter_edge                      ? 
_diffrn_radiation.inhomogeneity                    ? 
_diffrn_radiation.monochromator                    ? 
_diffrn_radiation.polarisn_norm                    ? 
_diffrn_radiation.polarisn_ratio                   ? 
_diffrn_radiation.probe                            ? 
_diffrn_radiation.type                             ? 
_diffrn_radiation.xray_symbol                      ? 
_diffrn_radiation.wavelength_id                    1 
_diffrn_radiation.pdbx_monochromatic_or_laue_m_l   M 
_diffrn_radiation.pdbx_wavelength_list             ? 
_diffrn_radiation.pdbx_wavelength                  ? 
_diffrn_radiation.pdbx_diffrn_protocol             'SINGLE WAVELENGTH' 
_diffrn_radiation.pdbx_analyzer                    ? 
_diffrn_radiation.pdbx_scattering_type             x-ray 
# 
_diffrn_radiation_wavelength.id           1 
_diffrn_radiation_wavelength.wavelength   0.987 
_diffrn_radiation_wavelength.wt           1.0 
# 
_diffrn_source.current                     ? 
_diffrn_source.details                     ? 
_diffrn_source.diffrn_id                   1 
_diffrn_source.power                       ? 
_diffrn_source.size                        ? 
_diffrn_source.source                      SYNCHROTRON 
_diffrn_source.target                      ? 
_diffrn_source.type                        'DIAMOND BEAMLINE I04-1' 
_diffrn_source.voltage                     ? 
_diffrn_source.take-off_angle              ? 
_diffrn_source.pdbx_wavelength_list        0.987 
_diffrn_source.pdbx_wavelength             ? 
_diffrn_source.pdbx_synchrotron_beamline   I04-1 
_diffrn_source.pdbx_synchrotron_site       Diamond 
# 
_reflns.B_iso_Wilson_estimate            ? 
_reflns.entry_id                         5LJ4 
_reflns.data_reduction_details           ? 
_reflns.data_reduction_method            ? 
_reflns.d_resolution_high                2.17 
_reflns.d_resolution_low                 33.96 
_reflns.details                          ? 
_reflns.limit_h_max                      ? 
_reflns.limit_h_min                      ? 
_reflns.limit_k_max                      ? 
_reflns.limit_k_min                      ? 
_reflns.limit_l_max                      ? 
_reflns.limit_l_min                      ? 
_reflns.number_all                       ? 
_reflns.number_obs                       3244 
_reflns.observed_criterion               ? 
_reflns.observed_criterion_F_max         ? 
_reflns.observed_criterion_F_min         ? 
_reflns.observed_criterion_I_max         ? 
_reflns.observed_criterion_I_min         ? 
_reflns.observed_criterion_sigma_F       ? 
_reflns.observed_criterion_sigma_I       ? 
_reflns.percent_possible_obs             99.21 
_reflns.R_free_details                   ? 
_reflns.Rmerge_F_all                     ? 
_reflns.Rmerge_F_obs                     ? 
_reflns.Friedel_coverage                 ? 
_reflns.number_gt                        ? 
_reflns.threshold_expression             ? 
_reflns.pdbx_redundancy                  9.6 
_reflns.pdbx_Rmerge_I_obs                0.066 
_reflns.pdbx_Rmerge_I_all                ? 
_reflns.pdbx_Rsym_value                  ? 
_reflns.pdbx_netI_over_av_sigmaI         ? 
_reflns.pdbx_netI_over_sigmaI            15.1 
_reflns.pdbx_res_netI_over_av_sigmaI_2   ? 
_reflns.pdbx_res_netI_over_sigmaI_2      ? 
_reflns.pdbx_chi_squared                 ? 
_reflns.pdbx_scaling_rejects             ? 
_reflns.pdbx_d_res_high_opt              ? 
_reflns.pdbx_d_res_low_opt               ? 
_reflns.pdbx_d_res_opt_method            ? 
_reflns.phase_calculation_details        ? 
_reflns.pdbx_Rrim_I_all                  ? 
_reflns.pdbx_Rpim_I_all                  ? 
_reflns.pdbx_d_opt                       ? 
_reflns.pdbx_number_measured_all         ? 
_reflns.pdbx_diffrn_id                   1 
_reflns.pdbx_ordinal                     1 
_reflns.pdbx_CC_half                     ? 
_reflns.pdbx_R_split                     ? 
# 
_reflns_shell.d_res_high                  2.17 
_reflns_shell.d_res_low                   2.24 
_reflns_shell.meanI_over_sigI_all         ? 
_reflns_shell.meanI_over_sigI_obs         3.6 
_reflns_shell.number_measured_all         ? 
_reflns_shell.number_measured_obs         ? 
_reflns_shell.number_possible             ? 
_reflns_shell.number_unique_all           ? 
_reflns_shell.number_unique_obs           ? 
_reflns_shell.percent_possible_all        97.4 
_reflns_shell.percent_possible_obs        ? 
_reflns_shell.Rmerge_F_all                ? 
_reflns_shell.Rmerge_F_obs                ? 
_reflns_shell.Rmerge_I_all                ? 
_reflns_shell.Rmerge_I_obs                0.495 
_reflns_shell.meanI_over_sigI_gt          ? 
_reflns_shell.meanI_over_uI_all           ? 
_reflns_shell.meanI_over_uI_gt            ? 
_reflns_shell.number_measured_gt          ? 
_reflns_shell.number_unique_gt            ? 
_reflns_shell.percent_possible_gt         ? 
_reflns_shell.Rmerge_F_gt                 ? 
_reflns_shell.Rmerge_I_gt                 ? 
_reflns_shell.pdbx_redundancy             7.9 
_reflns_shell.pdbx_Rsym_value             ? 
_reflns_shell.pdbx_chi_squared            ? 
_reflns_shell.pdbx_netI_over_sigmaI_all   ? 
_reflns_shell.pdbx_netI_over_sigmaI_obs   ? 
_reflns_shell.pdbx_Rrim_I_all             ? 
_reflns_shell.pdbx_Rpim_I_all             ? 
_reflns_shell.pdbx_rejects                ? 
_reflns_shell.pdbx_ordinal                1 
_reflns_shell.pdbx_diffrn_id              1 
_reflns_shell.pdbx_CC_half                ? 
_reflns_shell.pdbx_R_split                ? 
# 
_refine.aniso_B[1][1]                            0.0400 
_refine.aniso_B[1][2]                            0.0200 
_refine.aniso_B[1][3]                            0.0000 
_refine.aniso_B[2][2]                            0.0400 
_refine.aniso_B[2][3]                            0.0000 
_refine.aniso_B[3][3]                            -0.1400 
_refine.B_iso_max                                106.190 
_refine.B_iso_mean                               59.2060 
_refine.B_iso_min                                34.470 
_refine.correlation_coeff_Fo_to_Fc               0.9610 
_refine.correlation_coeff_Fo_to_Fc_free          0.9210 
_refine.details                                  
'HYDROGENS HAVE BEEN ADDED IN THE RIDING POSITIONS U VALUES      : REFINED INDIVIDUALLY' 
_refine.diff_density_max                         ? 
_refine.diff_density_max_esd                     ? 
_refine.diff_density_min                         ? 
_refine.diff_density_min_esd                     ? 
_refine.diff_density_rms                         ? 
_refine.diff_density_rms_esd                     ? 
_refine.entry_id                                 5LJ4 
_refine.pdbx_refine_id                           'X-RAY DIFFRACTION' 
_refine.ls_abs_structure_details                 ? 
_refine.ls_abs_structure_Flack                   ? 
_refine.ls_abs_structure_Flack_esd               ? 
_refine.ls_abs_structure_Rogers                  ? 
_refine.ls_abs_structure_Rogers_esd              ? 
_refine.ls_d_res_high                            2.1700 
_refine.ls_d_res_low                             33.9600 
_refine.ls_extinction_coef                       ? 
_refine.ls_extinction_coef_esd                   ? 
_refine.ls_extinction_expression                 ? 
_refine.ls_extinction_method                     ? 
_refine.ls_goodness_of_fit_all                   ? 
_refine.ls_goodness_of_fit_all_esd               ? 
_refine.ls_goodness_of_fit_obs                   ? 
_refine.ls_goodness_of_fit_obs_esd               ? 
_refine.ls_hydrogen_treatment                    ? 
_refine.ls_matrix_type                           ? 
_refine.ls_number_constraints                    ? 
_refine.ls_number_parameters                     ? 
_refine.ls_number_reflns_all                     ? 
_refine.ls_number_reflns_obs                     3244 
_refine.ls_number_reflns_R_free                  148 
_refine.ls_number_reflns_R_work                  ? 
_refine.ls_number_restraints                     ? 
_refine.ls_percent_reflns_obs                    99.2100 
_refine.ls_percent_reflns_R_free                 4.4000 
_refine.ls_R_factor_all                          ? 
_refine.ls_R_factor_obs                          0.2223 
_refine.ls_R_factor_R_free                       0.2746 
_refine.ls_R_factor_R_free_error                 ? 
_refine.ls_R_factor_R_free_error_details         ? 
_refine.ls_R_factor_R_work                       0.2197 
_refine.ls_R_Fsqd_factor_obs                     ? 
_refine.ls_R_I_factor_obs                        ? 
_refine.ls_redundancy_reflns_all                 ? 
_refine.ls_redundancy_reflns_obs                 ? 
_refine.ls_restrained_S_all                      ? 
_refine.ls_restrained_S_obs                      ? 
_refine.ls_shift_over_esd_max                    ? 
_refine.ls_shift_over_esd_mean                   ? 
_refine.ls_structure_factor_coef                 ? 
_refine.ls_weighting_details                     ? 
_refine.ls_weighting_scheme                      ? 
_refine.ls_wR_factor_all                         ? 
_refine.ls_wR_factor_obs                         ? 
_refine.ls_wR_factor_R_free                      ? 
_refine.ls_wR_factor_R_work                      ? 
_refine.occupancy_max                            ? 
_refine.occupancy_min                            ? 
_refine.solvent_model_details                    ? 
_refine.solvent_model_param_bsol                 ? 
_refine.solvent_model_param_ksol                 ? 
_refine.ls_R_factor_gt                           ? 
_refine.ls_goodness_of_fit_gt                    ? 
_refine.ls_goodness_of_fit_ref                   ? 
_refine.ls_shift_over_su_max                     ? 
_refine.ls_shift_over_su_max_lt                  ? 
_refine.ls_shift_over_su_mean                    ? 
_refine.ls_shift_over_su_mean_lt                 ? 
_refine.pdbx_ls_sigma_I                          ? 
_refine.pdbx_ls_sigma_F                          0.000 
_refine.pdbx_ls_sigma_Fsqd                       ? 
_refine.pdbx_data_cutoff_high_absF               ? 
_refine.pdbx_data_cutoff_high_rms_absF           ? 
_refine.pdbx_data_cutoff_low_absF                ? 
_refine.pdbx_isotropic_thermal_model             ? 
_refine.pdbx_ls_cross_valid_method               THROUGHOUT 
_refine.pdbx_method_to_determine_struct          'MOLECULAR REPLACEMENT' 
_refine.pdbx_starting_model                      463D 
_refine.pdbx_stereochemistry_target_values       ? 
_refine.pdbx_R_Free_selection_details            RANDOM 
_refine.pdbx_stereochem_target_val_spec_case     ? 
_refine.pdbx_overall_ESU_R                       0.2840 
_refine.pdbx_overall_ESU_R_Free                  0.2310 
_refine.pdbx_solvent_vdw_probe_radii             1.2000 
_refine.pdbx_solvent_ion_probe_radii             0.8000 
_refine.pdbx_solvent_shrinkage_radii             0.8000 
_refine.pdbx_real_space_R                        ? 
_refine.pdbx_density_correlation                 ? 
_refine.pdbx_pd_number_of_powder_patterns        ? 
_refine.pdbx_pd_number_of_points                 ? 
_refine.pdbx_pd_meas_number_of_points            ? 
_refine.pdbx_pd_proc_ls_prof_R_factor            ? 
_refine.pdbx_pd_proc_ls_prof_wR_factor           ? 
_refine.pdbx_pd_Marquardt_correlation_coeff      ? 
_refine.pdbx_pd_Fsqrd_R_factor                   ? 
_refine.pdbx_pd_ls_matrix_band_width             ? 
_refine.pdbx_overall_phase_error                 ? 
_refine.pdbx_overall_SU_R_free_Cruickshank_DPI   ? 
_refine.pdbx_overall_SU_R_free_Blow_DPI          ? 
_refine.pdbx_overall_SU_R_Blow_DPI               ? 
_refine.pdbx_TLS_residual_ADP_flag               ? 
_refine.pdbx_diffrn_id                           1 
_refine.overall_SU_B                             8.9420 
_refine.overall_SU_ML                            0.2180 
_refine.overall_SU_R_Cruickshank_DPI             ? 
_refine.overall_SU_R_free                        ? 
_refine.overall_FOM_free_R_set                   ? 
_refine.overall_FOM_work_R_set                   ? 
_refine.pdbx_average_fsc_overall                 ? 
_refine.pdbx_average_fsc_work                    ? 
_refine.pdbx_average_fsc_free                    ? 
# 
_refine_hist.cycle_id                         final 
_refine_hist.pdbx_refine_id                   'X-RAY DIFFRACTION' 
_refine_hist.d_res_high                       2.1700 
_refine_hist.d_res_low                        33.9600 
_refine_hist.pdbx_number_atoms_ligand         4 
_refine_hist.number_atoms_solvent             5 
_refine_hist.number_atoms_total               469 
_refine_hist.pdbx_number_residues_total       22 
_refine_hist.pdbx_B_iso_mean_ligand           71.66 
_refine_hist.pdbx_B_iso_mean_solvent          48.02 
_refine_hist.pdbx_number_atoms_protein        0 
_refine_hist.pdbx_number_atoms_nucleic_acid   460 
# 
loop_
_refine_ls_restr.pdbx_refine_id 
_refine_ls_restr.criterion 
_refine_ls_restr.dev_ideal 
_refine_ls_restr.dev_ideal_target 
_refine_ls_restr.number 
_refine_ls_restr.rejects 
_refine_ls_restr.type 
_refine_ls_restr.weight 
_refine_ls_restr.pdbx_restraint_function 
'X-RAY DIFFRACTION' ? 0.008 0.011 514 ? r_bond_refined_d     ? ? 
'X-RAY DIFFRACTION' ? 0.002 0.019 246 ? r_bond_other_d       ? ? 
'X-RAY DIFFRACTION' ? 1.704 1.307 790 ? r_angle_refined_deg  ? ? 
'X-RAY DIFFRACTION' ? 1.672 2.707 584 ? r_angle_other_deg    ? ? 
'X-RAY DIFFRACTION' ? 0.085 0.200 54  ? r_chiral_restr       ? ? 
'X-RAY DIFFRACTION' ? 0.016 0.020 314 ? r_gen_planes_refined ? ? 
'X-RAY DIFFRACTION' ? 0.002 0.020 108 ? r_gen_planes_other   ? ? 
'X-RAY DIFFRACTION' ? 5.804 6.184 514 ? r_scbond_it          ? ? 
# 
_refine_ls_shell.pdbx_refine_id                   'X-RAY DIFFRACTION' 
_refine_ls_shell.d_res_high                       2.1720 
_refine_ls_shell.d_res_low                        2.2280 
_refine_ls_shell.number_reflns_all                220 
_refine_ls_shell.number_reflns_obs                ? 
_refine_ls_shell.number_reflns_R_free             13 
_refine_ls_shell.number_reflns_R_work             207 
_refine_ls_shell.percent_reflns_obs               96.0700 
_refine_ls_shell.percent_reflns_R_free            ? 
_refine_ls_shell.R_factor_all                     ? 
_refine_ls_shell.R_factor_obs                     ? 
_refine_ls_shell.R_factor_R_free                  0.3430 
_refine_ls_shell.R_factor_R_free_error            ? 
_refine_ls_shell.R_factor_R_work                  0.3380 
_refine_ls_shell.redundancy_reflns_all            ? 
_refine_ls_shell.redundancy_reflns_obs            ? 
_refine_ls_shell.wR_factor_all                    ? 
_refine_ls_shell.wR_factor_obs                    ? 
_refine_ls_shell.wR_factor_R_free                 ? 
_refine_ls_shell.wR_factor_R_work                 ? 
_refine_ls_shell.pdbx_total_number_of_bins_used   20 
_refine_ls_shell.pdbx_phase_error                 ? 
_refine_ls_shell.pdbx_fsc_work                    ? 
_refine_ls_shell.pdbx_fsc_free                    ? 
# 
_struct.entry_id                     5LJ4 
_struct.title                        'Crystal structure of DNA duplex containing ZP base pair' 
_struct.pdbx_model_details           ? 
_struct.pdbx_formula_weight          ? 
_struct.pdbx_formula_weight_method   ? 
_struct.pdbx_model_type_details      ? 
_struct.pdbx_CASP_flag               N 
# 
_struct_keywords.entry_id        5LJ4 
_struct_keywords.text            'Synthetic nucleotide, DNA' 
_struct_keywords.pdbx_keywords   DNA 
# 
loop_
_struct_asym.id 
_struct_asym.pdbx_blank_PDB_chainid_flag 
_struct_asym.pdbx_modified 
_struct_asym.entity_id 
_struct_asym.details 
A N N 1 ? 
B N N 1 ? 
C N N 2 ? 
D N N 2 ? 
E N N 2 ? 
F N N 2 ? 
G N N 3 ? 
H N N 3 ? 
# 
_struct_ref.id                         1 
_struct_ref.db_name                    PDB 
_struct_ref.db_code                    5LJ4 
_struct_ref.pdbx_db_accession          5LJ4 
_struct_ref.pdbx_db_isoform            ? 
_struct_ref.entity_id                  1 
_struct_ref.pdbx_seq_one_letter_code   ? 
_struct_ref.pdbx_align_begin           1 
# 
loop_
_struct_ref_seq.align_id 
_struct_ref_seq.ref_id 
_struct_ref_seq.pdbx_PDB_id_code 
_struct_ref_seq.pdbx_strand_id 
_struct_ref_seq.seq_align_beg 
_struct_ref_seq.pdbx_seq_align_beg_ins_code 
_struct_ref_seq.seq_align_end 
_struct_ref_seq.pdbx_seq_align_end_ins_code 
_struct_ref_seq.pdbx_db_accession 
_struct_ref_seq.db_align_beg 
_struct_ref_seq.pdbx_db_align_beg_ins_code 
_struct_ref_seq.db_align_end 
_struct_ref_seq.pdbx_db_align_end_ins_code 
_struct_ref_seq.pdbx_auth_seq_align_beg 
_struct_ref_seq.pdbx_auth_seq_align_end 
1 1 5LJ4 A 1 ? 12 ? 5LJ4 1  ? 12 ? 1  12 
2 1 5LJ4 B 1 ? 12 ? 5LJ4 13 ? 24 ? 13 24 
# 
_pdbx_struct_assembly.id                   1 
_pdbx_struct_assembly.details              software_defined_assembly 
_pdbx_struct_assembly.method_details       PISA 
_pdbx_struct_assembly.oligomeric_details   dimeric 
_pdbx_struct_assembly.oligomeric_count     2 
# 
loop_
_pdbx_struct_assembly_prop.biol_id 
_pdbx_struct_assembly_prop.type 
_pdbx_struct_assembly_prop.value 
_pdbx_struct_assembly_prop.details 
1 'ABSA (A^2)' 1240 ? 
1 MORE         -33  ? 
1 'SSA (A^2)'  4410 ? 
# 
_pdbx_struct_assembly_gen.assembly_id       1 
_pdbx_struct_assembly_gen.oper_expression   1 
_pdbx_struct_assembly_gen.asym_id_list      A,B,C,D,E,F,G,H 
# 
_pdbx_struct_oper_list.id                   1 
_pdbx_struct_oper_list.type                 'identity operation' 
_pdbx_struct_oper_list.name                 1_555 
_pdbx_struct_oper_list.symmetry_operation   x,y,z 
_pdbx_struct_oper_list.matrix[1][1]         1.0000000000 
_pdbx_struct_oper_list.matrix[1][2]         0.0000000000 
_pdbx_struct_oper_list.matrix[1][3]         0.0000000000 
_pdbx_struct_oper_list.vector[1]            0.0000000000 
_pdbx_struct_oper_list.matrix[2][1]         0.0000000000 
_pdbx_struct_oper_list.matrix[2][2]         1.0000000000 
_pdbx_struct_oper_list.matrix[2][3]         0.0000000000 
_pdbx_struct_oper_list.vector[2]            0.0000000000 
_pdbx_struct_oper_list.matrix[3][1]         0.0000000000 
_pdbx_struct_oper_list.matrix[3][2]         0.0000000000 
_pdbx_struct_oper_list.matrix[3][3]         1.0000000000 
_pdbx_struct_oper_list.vector[3]            0.0000000000 
# 
loop_
_struct_conn.id 
_struct_conn.conn_type_id 
_struct_conn.pdbx_leaving_atom_flag 
_struct_conn.pdbx_PDB_id 
_struct_conn.ptnr1_label_asym_id 
_struct_conn.ptnr1_label_comp_id 
_struct_conn.ptnr1_label_seq_id 
_struct_conn.ptnr1_label_atom_id 
_struct_conn.pdbx_ptnr1_label_alt_id 
_struct_conn.pdbx_ptnr1_PDB_ins_code 
_struct_conn.pdbx_ptnr1_standard_comp_id 
_struct_conn.ptnr1_symmetry 
_struct_conn.ptnr2_label_asym_id 
_struct_conn.ptnr2_label_comp_id 
_struct_conn.ptnr2_label_seq_id 
_struct_conn.ptnr2_label_atom_id 
_struct_conn.pdbx_ptnr2_label_alt_id 
_struct_conn.pdbx_ptnr2_PDB_ins_code 
_struct_conn.ptnr1_auth_asym_id 
_struct_conn.ptnr1_auth_comp_id 
_struct_conn.ptnr1_auth_seq_id 
_struct_conn.ptnr2_auth_asym_id 
_struct_conn.ptnr2_auth_comp_id 
_struct_conn.ptnr2_auth_seq_id 
_struct_conn.ptnr2_symmetry 
_struct_conn.pdbx_ptnr3_label_atom_id 
_struct_conn.pdbx_ptnr3_label_seq_id 
_struct_conn.pdbx_ptnr3_label_comp_id 
_struct_conn.pdbx_ptnr3_label_asym_id 
_struct_conn.pdbx_ptnr3_label_alt_id 
_struct_conn.pdbx_ptnr3_PDB_ins_code 
_struct_conn.details 
_struct_conn.pdbx_dist_value 
_struct_conn.pdbx_value_order 
_struct_conn.pdbx_role 
covale1  covale both ? A DC  3  "O3'" ? ? ? 1_555 A 1WA 4  P   ? ? A DC  3   A 1WA 4   1_555 ? ? ? ? ? ? ?            1.593 ? ? 
covale2  covale both ? A 1WA 4  "O3'" ? ? ? 1_555 A DA  5  P   ? ? A 1WA 4   A DA  5   1_555 ? ? ? ? ? ? ?            1.594 ? ? 
covale3  covale both ? A DT  8  "O3'" ? ? ? 1_555 A 1W5 9  P   ? ? A DT  8   A 1W5 9   1_555 ? ? ? ? ? ? ?            1.593 ? ? 
covale4  covale one  ? A 1W5 9  "O3'" ? ? ? 1_555 A DG  10 P   ? ? A 1W5 9   A DG  10  1_555 ? ? ? ? ? ? ?            1.605 ? ? 
covale5  covale both ? B DC  3  "O3'" ? ? ? 1_555 B 1WA 4  P   ? ? B DC  15  B 1WA 16  1_555 ? ? ? ? ? ? ?            1.566 ? ? 
covale6  covale both ? B 1WA 4  "O3'" ? ? ? 1_555 B DA  5  P   ? ? B 1WA 16  B DA  17  1_555 ? ? ? ? ? ? ?            1.569 ? ? 
covale7  covale both ? B DT  8  "O3'" ? ? ? 1_555 B 1W5 9  P   ? ? B DT  20  B 1W5 21  1_555 ? ? ? ? ? ? ?            1.620 ? ? 
covale8  covale one  ? B 1W5 9  "O3'" ? ? ? 1_555 B DG  10 P   ? ? B 1W5 21  B DG  22  1_555 ? ? ? ? ? ? ?            1.580 ? ? 
metalc1  metalc ?    ? A DG  12 O6    ? ? ? 1_555 C CA  .  CA  ? ? A DG  12  A CA  101 1_555 ? ? ? ? ? ? ?            2.141 ? ? 
metalc2  metalc ?    ? A DG  12 OP1   ? ? ? 1_555 C CA  .  CA  ? ? A DG  12  A CA  101 2_755 ? ? ? ? ? ? ?            2.271 ? ? 
metalc3  metalc ?    ? A DG  12 OP2   ? ? ? 1_555 E CA  .  CA  ? ? A DG  12  A CA  103 1_555 ? ? ? ? ? ? ?            2.584 ? ? 
metalc4  metalc ?    ? C CA  .  CA    ? ? ? 4_445 B DG  12 OP1 ? ? A CA  101 B DG  24  1_555 ? ? ? ? ? ? ?            2.177 ? ? 
metalc5  metalc ?    ? D CA  .  CA    ? ? ? 1_555 G HOH .  O   ? ? A CA  102 A HOH 203 6_665 ? ? ? ? ? ? ?            2.315 ? ? 
hydrog1  hydrog ?    ? A DG  2  N1    ? ? ? 1_555 B DC  11 N3  ? ? A DG  2   B DC  23  1_555 ? ? ? ? ? ? WATSON-CRICK ?     ? ? 
hydrog2  hydrog ?    ? A DG  2  N2    ? ? ? 1_555 B DC  11 O2  ? ? A DG  2   B DC  23  1_555 ? ? ? ? ? ? WATSON-CRICK ?     ? ? 
hydrog3  hydrog ?    ? A DG  2  O6    ? ? ? 1_555 B DC  11 N4  ? ? A DG  2   B DC  23  1_555 ? ? ? ? ? ? WATSON-CRICK ?     ? ? 
hydrog4  hydrog ?    ? A DC  3  N3    ? ? ? 1_555 B DG  10 N1  ? ? A DC  3   B DG  22  1_555 ? ? ? ? ? ? WATSON-CRICK ?     ? ? 
hydrog5  hydrog ?    ? A DC  3  N4    ? ? ? 1_555 B DG  10 O6  ? ? A DC  3   B DG  22  1_555 ? ? ? ? ? ? WATSON-CRICK ?     ? ? 
hydrog6  hydrog ?    ? A DC  3  O2    ? ? ? 1_555 B DG  10 N2  ? ? A DC  3   B DG  22  1_555 ? ? ? ? ? ? WATSON-CRICK ?     ? ? 
hydrog7  hydrog ?    ? A DA  5  N1    ? ? ? 1_555 B DT  8  N3  ? ? A DA  5   B DT  20  1_555 ? ? ? ? ? ? WATSON-CRICK ?     ? ? 
hydrog8  hydrog ?    ? A DA  5  N6    ? ? ? 1_555 B DT  8  O4  ? ? A DA  5   B DT  20  1_555 ? ? ? ? ? ? WATSON-CRICK ?     ? ? 
hydrog9  hydrog ?    ? A DA  6  N1    ? ? ? 1_555 B DT  7  N3  ? ? A DA  6   B DT  19  1_555 ? ? ? ? ? ? WATSON-CRICK ?     ? ? 
hydrog10 hydrog ?    ? A DA  6  N6    ? ? ? 1_555 B DT  7  O4  ? ? A DA  6   B DT  19  1_555 ? ? ? ? ? ? WATSON-CRICK ?     ? ? 
hydrog11 hydrog ?    ? A DT  7  N3    ? ? ? 1_555 B DA  6  N1  ? ? A DT  7   B DA  18  1_555 ? ? ? ? ? ? WATSON-CRICK ?     ? ? 
hydrog12 hydrog ?    ? A DT  7  O4    ? ? ? 1_555 B DA  6  N6  ? ? A DT  7   B DA  18  1_555 ? ? ? ? ? ? WATSON-CRICK ?     ? ? 
hydrog13 hydrog ?    ? A DT  8  N3    ? ? ? 1_555 B DA  5  N1  ? ? A DT  8   B DA  17  1_555 ? ? ? ? ? ? WATSON-CRICK ?     ? ? 
hydrog14 hydrog ?    ? A DT  8  O4    ? ? ? 1_555 B DA  5  N6  ? ? A DT  8   B DA  17  1_555 ? ? ? ? ? ? WATSON-CRICK ?     ? ? 
hydrog15 hydrog ?    ? A DG  10 N1    ? ? ? 1_555 B DC  3  N3  ? ? A DG  10  B DC  15  1_555 ? ? ? ? ? ? WATSON-CRICK ?     ? ? 
hydrog16 hydrog ?    ? A DG  10 N2    ? ? ? 1_555 B DC  3  O2  ? ? A DG  10  B DC  15  1_555 ? ? ? ? ? ? WATSON-CRICK ?     ? ? 
hydrog17 hydrog ?    ? A DG  10 O6    ? ? ? 1_555 B DC  3  N4  ? ? A DG  10  B DC  15  1_555 ? ? ? ? ? ? WATSON-CRICK ?     ? ? 
hydrog18 hydrog ?    ? A DC  11 N3    ? ? ? 1_555 B DG  2  N1  ? ? A DC  11  B DG  14  1_555 ? ? ? ? ? ? WATSON-CRICK ?     ? ? 
hydrog19 hydrog ?    ? A DC  11 N4    ? ? ? 1_555 B DG  2  O6  ? ? A DC  11  B DG  14  1_555 ? ? ? ? ? ? WATSON-CRICK ?     ? ? 
hydrog20 hydrog ?    ? A DC  11 O2    ? ? ? 1_555 B DG  2  N2  ? ? A DC  11  B DG  14  1_555 ? ? ? ? ? ? WATSON-CRICK ?     ? ? 
# 
loop_
_struct_conn_type.id 
_struct_conn_type.criteria 
_struct_conn_type.reference 
covale ? ? 
metalc ? ? 
hydrog ? ? 
# 
loop_
_pdbx_struct_conn_angle.id 
_pdbx_struct_conn_angle.ptnr1_label_atom_id 
_pdbx_struct_conn_angle.ptnr1_label_alt_id 
_pdbx_struct_conn_angle.ptnr1_label_asym_id 
_pdbx_struct_conn_angle.ptnr1_label_comp_id 
_pdbx_struct_conn_angle.ptnr1_label_seq_id 
_pdbx_struct_conn_angle.ptnr1_auth_atom_id 
_pdbx_struct_conn_angle.ptnr1_auth_asym_id 
_pdbx_struct_conn_angle.ptnr1_auth_comp_id 
_pdbx_struct_conn_angle.ptnr1_auth_seq_id 
_pdbx_struct_conn_angle.ptnr1_PDB_ins_code 
_pdbx_struct_conn_angle.ptnr1_symmetry 
_pdbx_struct_conn_angle.ptnr2_label_atom_id 
_pdbx_struct_conn_angle.ptnr2_label_alt_id 
_pdbx_struct_conn_angle.ptnr2_label_asym_id 
_pdbx_struct_conn_angle.ptnr2_label_comp_id 
_pdbx_struct_conn_angle.ptnr2_label_seq_id 
_pdbx_struct_conn_angle.ptnr2_auth_atom_id 
_pdbx_struct_conn_angle.ptnr2_auth_asym_id 
_pdbx_struct_conn_angle.ptnr2_auth_comp_id 
_pdbx_struct_conn_angle.ptnr2_auth_seq_id 
_pdbx_struct_conn_angle.ptnr2_PDB_ins_code 
_pdbx_struct_conn_angle.ptnr2_symmetry 
_pdbx_struct_conn_angle.ptnr3_label_atom_id 
_pdbx_struct_conn_angle.ptnr3_label_alt_id 
_pdbx_struct_conn_angle.ptnr3_label_asym_id 
_pdbx_struct_conn_angle.ptnr3_label_comp_id 
_pdbx_struct_conn_angle.ptnr3_label_seq_id 
_pdbx_struct_conn_angle.ptnr3_auth_atom_id 
_pdbx_struct_conn_angle.ptnr3_auth_asym_id 
_pdbx_struct_conn_angle.ptnr3_auth_comp_id 
_pdbx_struct_conn_angle.ptnr3_auth_seq_id 
_pdbx_struct_conn_angle.ptnr3_PDB_ins_code 
_pdbx_struct_conn_angle.ptnr3_symmetry 
_pdbx_struct_conn_angle.value 
_pdbx_struct_conn_angle.value_esd 
1 O6  ? A DG 12 ? A DG 12 ? 1_555 CA ? C CA . ? A CA 101 ? 1_555 OP1 ? A DG 12 ? A DG 12 ? 1_555 39.7 ? 
2 O6  ? A DG 12 ? A DG 12 ? 1_555 CA ? C CA . ? A CA 101 ? 1_555 OP1 ? B DG 12 ? B DG 24 ? 1_555 89.4 ? 
3 OP1 ? A DG 12 ? A DG 12 ? 1_555 CA ? C CA . ? A CA 101 ? 1_555 OP1 ? B DG 12 ? B DG 24 ? 1_555 77.1 ? 
# 
loop_
_struct_site.id 
_struct_site.pdbx_evidence_code 
_struct_site.pdbx_auth_asym_id 
_struct_site.pdbx_auth_comp_id 
_struct_site.pdbx_auth_seq_id 
_struct_site.pdbx_auth_ins_code 
_struct_site.pdbx_num_residues 
_struct_site.details 
AC1 Software A CA  101 ? 4 'binding site for residue CA A 101'                   
AC2 Software A CA  102 ? 1 'binding site for residue CA A 102'                   
AC3 Software A CA  103 ? 1 'binding site for residue CA A 103'                   
AC4 Software B DC  15  ? 7 'binding site for Di-nucleotide DC B 15 and 1WA B 16' 
AC5 Software B 1WA 16  ? 7 'binding site for Di-nucleotide 1WA B 16 and DA B 17' 
AC6 Software B DT  20  ? 5 'binding site for Di-nucleotide DT B 20 and 1W5 B 21' 
AC7 Software B 1W5 21  ? 8 'binding site for Di-nucleotide 1W5 B 21 and DG B 22' 
# 
loop_
_struct_site_gen.id 
_struct_site_gen.site_id 
_struct_site_gen.pdbx_num_res 
_struct_site_gen.label_comp_id 
_struct_site_gen.label_asym_id 
_struct_site_gen.label_seq_id 
_struct_site_gen.pdbx_auth_ins_code 
_struct_site_gen.auth_comp_id 
_struct_site_gen.auth_asym_id 
_struct_site_gen.auth_seq_id 
_struct_site_gen.label_atom_id 
_struct_site_gen.label_alt_id 
_struct_site_gen.symmetry 
_struct_site_gen.details 
1  AC1 4 DG  A 12 ? DG  A 12  . ? 1_555 ? 
2  AC1 4 DG  A 12 ? DG  A 12  . ? 3_775 ? 
3  AC1 4 HOH G .  ? HOH A 202 . ? 3_775 ? 
4  AC1 4 DG  B 12 ? DG  B 24  . ? 7_554 ? 
5  AC2 1 HOH G .  ? HOH A 203 . ? 6_665 ? 
6  AC3 1 DG  A 12 ? DG  A 12  . ? 1_555 ? 
7  AC4 7 DT  A 8  ? DT  A 8   . ? 1_555 ? 
8  AC4 7 1W5 A 9  ? 1W5 A 9   . ? 1_555 ? 
9  AC4 7 DG  A 10 ? DG  A 10  . ? 1_555 ? 
10 AC4 7 DG  B 2  ? DG  B 14  . ? 1_555 ? 
11 AC4 7 DA  B 5  ? DA  B 17  . ? 1_555 ? 
12 AC4 7 DG  B 12 ? DG  B 24  . ? 8_644 ? 
13 AC4 7 HOH H .  ? HOH B 201 . ? 8_644 ? 
14 AC5 7 DT  A 8  ? DT  A 8   . ? 1_555 ? 
15 AC5 7 1W5 A 9  ? 1W5 A 9   . ? 1_555 ? 
16 AC5 7 DG  A 10 ? DG  A 10  . ? 1_555 ? 
17 AC5 7 DC  B 3  ? DC  B 15  . ? 1_555 ? 
18 AC5 7 DA  B 6  ? DA  B 18  . ? 1_555 ? 
19 AC5 7 DG  B 12 ? DG  B 24  . ? 8_644 ? 
20 AC5 7 HOH H .  ? HOH B 201 . ? 8_644 ? 
21 AC6 5 1WA A 4  ? 1WA A 4   . ? 1_555 ? 
22 AC6 5 DA  A 5  ? DA  A 5   . ? 1_555 ? 
23 AC6 5 DA  A 6  ? DA  A 6   . ? 1_555 ? 
24 AC6 5 DT  B 7  ? DT  B 19  . ? 1_555 ? 
25 AC6 5 DG  B 10 ? DG  B 22  . ? 1_555 ? 
26 AC7 8 DG  A 2  ? DG  A 2   . ? 1_555 ? 
27 AC7 8 DC  A 3  ? DC  A 3   . ? 1_555 ? 
28 AC7 8 1WA A 4  ? 1WA A 4   . ? 1_555 ? 
29 AC7 8 DA  A 5  ? DA  A 5   . ? 1_555 ? 
30 AC7 8 DG  A 12 ? DG  A 12  . ? 6_665 ? 
31 AC7 8 DT  B 8  ? DT  B 20  . ? 1_555 ? 
32 AC7 8 DC  B 11 ? DC  B 23  . ? 1_555 ? 
33 AC7 8 HOH H .  ? HOH B 202 . ? 1_555 ? 
# 
_phasing.method   MR 
# 
loop_
_pdbx_unobs_or_zero_occ_residues.id 
_pdbx_unobs_or_zero_occ_residues.PDB_model_num 
_pdbx_unobs_or_zero_occ_residues.polymer_flag 
_pdbx_unobs_or_zero_occ_residues.occupancy_flag 
_pdbx_unobs_or_zero_occ_residues.auth_asym_id 
_pdbx_unobs_or_zero_occ_residues.auth_comp_id 
_pdbx_unobs_or_zero_occ_residues.auth_seq_id 
_pdbx_unobs_or_zero_occ_residues.PDB_ins_code 
_pdbx_unobs_or_zero_occ_residues.label_asym_id 
_pdbx_unobs_or_zero_occ_residues.label_comp_id 
_pdbx_unobs_or_zero_occ_residues.label_seq_id 
1 1 Y 1 A DC 1  ? A DC 1 
2 1 Y 1 B DC 13 ? B DC 1 
# 
loop_
_chem_comp_atom.comp_id 
_chem_comp_atom.atom_id 
_chem_comp_atom.type_symbol 
_chem_comp_atom.pdbx_aromatic_flag 
_chem_comp_atom.pdbx_stereo_config 
_chem_comp_atom.pdbx_ordinal 
1W5 N      N  N N 1   
1W5 P      P  N N 2   
1W5 C1     C  Y N 3   
1W5 C2     C  Y N 4   
1W5 O2     O  N N 5   
1W5 N3     N  Y N 6   
1W5 C4     C  Y N 7   
1W5 N4     N  N N 8   
1W5 C5     C  Y N 9   
1W5 C6     C  Y N 10  
1W5 "C1'"  C  N R 11  
1W5 "C2'"  C  N N 12  
1W5 "C3'"  C  N S 13  
1W5 "O3'"  O  N N 14  
1W5 "C4'"  C  N R 15  
1W5 "O4'"  O  N N 16  
1W5 "C5'"  C  N N 17  
1W5 "O5'"  O  N N 18  
1W5 ON1    O  N N 19  
1W5 ON2    O  N N 20  
1W5 OP1    O  N N 21  
1W5 OP2    O  N N 22  
1W5 OP3    O  N N 23  
1W5 H1     H  N N 24  
1W5 H2     H  N N 25  
1W5 H4     H  N N 26  
1W5 H5     H  N N 27  
1W5 H6     H  N N 28  
1W5 H7     H  N N 29  
1W5 H8     H  N N 30  
1W5 H9     H  N N 31  
1W5 H10    H  N N 32  
1W5 H11    H  N N 33  
1W5 H12    H  N N 34  
1W5 HOP1   H  N N 35  
1W5 HOP3   H  N N 36  
1W5 H15    H  N N 37  
1WA OP3    O  N N 38  
1WA P      P  N N 39  
1WA N1     N  Y N 40  
1WA C2     C  Y N 41  
1WA N2     N  N N 42  
1WA N3     N  Y N 43  
1WA C4     C  Y N 44  
1WA N5     N  Y N 45  
1WA C6     C  Y N 46  
1WA O6     O  N N 47  
1WA C7     C  Y N 48  
1WA C8     C  Y N 49  
1WA N9     N  Y N 50  
1WA "C1'"  C  N R 51  
1WA "C2'"  C  N N 52  
1WA "C3'"  C  N S 53  
1WA "O3'"  O  N N 54  
1WA "C4'"  C  N R 55  
1WA "O4'"  O  N N 56  
1WA "C5'"  C  N N 57  
1WA "O5'"  O  N N 58  
1WA OP1    O  N N 59  
1WA OP2    O  N N 60  
1WA HOP3   H  N N 61  
1WA HN2    H  N N 62  
1WA HN2A   H  N N 63  
1WA HN3    H  N N 64  
1WA H7     H  N N 65  
1WA H8     H  N N 66  
1WA "H1'"  H  N N 67  
1WA "H2'"  H  N N 68  
1WA "H2'A" H  N N 69  
1WA "H3'"  H  N N 70  
1WA "HO3'" H  N N 71  
1WA "H4'"  H  N N 72  
1WA "H5'"  H  N N 73  
1WA "H5'A" H  N N 74  
1WA HOP1   H  N N 75  
1WA HO6    H  N N 76  
CA  CA     CA N N 77  
DA  OP3    O  N N 78  
DA  P      P  N N 79  
DA  OP1    O  N N 80  
DA  OP2    O  N N 81  
DA  "O5'"  O  N N 82  
DA  "C5'"  C  N N 83  
DA  "C4'"  C  N R 84  
DA  "O4'"  O  N N 85  
DA  "C3'"  C  N S 86  
DA  "O3'"  O  N N 87  
DA  "C2'"  C  N N 88  
DA  "C1'"  C  N R 89  
DA  N9     N  Y N 90  
DA  C8     C  Y N 91  
DA  N7     N  Y N 92  
DA  C5     C  Y N 93  
DA  C6     C  Y N 94  
DA  N6     N  N N 95  
DA  N1     N  Y N 96  
DA  C2     C  Y N 97  
DA  N3     N  Y N 98  
DA  C4     C  Y N 99  
DA  HOP3   H  N N 100 
DA  HOP2   H  N N 101 
DA  "H5'"  H  N N 102 
DA  "H5''" H  N N 103 
DA  "H4'"  H  N N 104 
DA  "H3'"  H  N N 105 
DA  "HO3'" H  N N 106 
DA  "H2'"  H  N N 107 
DA  "H2''" H  N N 108 
DA  "H1'"  H  N N 109 
DA  H8     H  N N 110 
DA  H61    H  N N 111 
DA  H62    H  N N 112 
DA  H2     H  N N 113 
DC  OP3    O  N N 114 
DC  P      P  N N 115 
DC  OP1    O  N N 116 
DC  OP2    O  N N 117 
DC  "O5'"  O  N N 118 
DC  "C5'"  C  N N 119 
DC  "C4'"  C  N R 120 
DC  "O4'"  O  N N 121 
DC  "C3'"  C  N S 122 
DC  "O3'"  O  N N 123 
DC  "C2'"  C  N N 124 
DC  "C1'"  C  N R 125 
DC  N1     N  N N 126 
DC  C2     C  N N 127 
DC  O2     O  N N 128 
DC  N3     N  N N 129 
DC  C4     C  N N 130 
DC  N4     N  N N 131 
DC  C5     C  N N 132 
DC  C6     C  N N 133 
DC  HOP3   H  N N 134 
DC  HOP2   H  N N 135 
DC  "H5'"  H  N N 136 
DC  "H5''" H  N N 137 
DC  "H4'"  H  N N 138 
DC  "H3'"  H  N N 139 
DC  "HO3'" H  N N 140 
DC  "H2'"  H  N N 141 
DC  "H2''" H  N N 142 
DC  "H1'"  H  N N 143 
DC  H41    H  N N 144 
DC  H42    H  N N 145 
DC  H5     H  N N 146 
DC  H6     H  N N 147 
DG  OP3    O  N N 148 
DG  P      P  N N 149 
DG  OP1    O  N N 150 
DG  OP2    O  N N 151 
DG  "O5'"  O  N N 152 
DG  "C5'"  C  N N 153 
DG  "C4'"  C  N R 154 
DG  "O4'"  O  N N 155 
DG  "C3'"  C  N S 156 
DG  "O3'"  O  N N 157 
DG  "C2'"  C  N N 158 
DG  "C1'"  C  N R 159 
DG  N9     N  Y N 160 
DG  C8     C  Y N 161 
DG  N7     N  Y N 162 
DG  C5     C  Y N 163 
DG  C6     C  N N 164 
DG  O6     O  N N 165 
DG  N1     N  N N 166 
DG  C2     C  N N 167 
DG  N2     N  N N 168 
DG  N3     N  N N 169 
DG  C4     C  Y N 170 
DG  HOP3   H  N N 171 
DG  HOP2   H  N N 172 
DG  "H5'"  H  N N 173 
DG  "H5''" H  N N 174 
DG  "H4'"  H  N N 175 
DG  "H3'"  H  N N 176 
DG  "HO3'" H  N N 177 
DG  "H2'"  H  N N 178 
DG  "H2''" H  N N 179 
DG  "H1'"  H  N N 180 
DG  H8     H  N N 181 
DG  H1     H  N N 182 
DG  H21    H  N N 183 
DG  H22    H  N N 184 
DT  OP3    O  N N 185 
DT  P      P  N N 186 
DT  OP1    O  N N 187 
DT  OP2    O  N N 188 
DT  "O5'"  O  N N 189 
DT  "C5'"  C  N N 190 
DT  "C4'"  C  N R 191 
DT  "O4'"  O  N N 192 
DT  "C3'"  C  N S 193 
DT  "O3'"  O  N N 194 
DT  "C2'"  C  N N 195 
DT  "C1'"  C  N R 196 
DT  N1     N  N N 197 
DT  C2     C  N N 198 
DT  O2     O  N N 199 
DT  N3     N  N N 200 
DT  C4     C  N N 201 
DT  O4     O  N N 202 
DT  C5     C  N N 203 
DT  C7     C  N N 204 
DT  C6     C  N N 205 
DT  HOP3   H  N N 206 
DT  HOP2   H  N N 207 
DT  "H5'"  H  N N 208 
DT  "H5''" H  N N 209 
DT  "H4'"  H  N N 210 
DT  "H3'"  H  N N 211 
DT  "HO3'" H  N N 212 
DT  "H2'"  H  N N 213 
DT  "H2''" H  N N 214 
DT  "H1'"  H  N N 215 
DT  H3     H  N N 216 
DT  H71    H  N N 217 
DT  H72    H  N N 218 
DT  H73    H  N N 219 
DT  H6     H  N N 220 
HOH O      O  N N 221 
HOH H1     H  N N 222 
HOH H2     H  N N 223 
# 
loop_
_chem_comp_bond.comp_id 
_chem_comp_bond.atom_id_1 
_chem_comp_bond.atom_id_2 
_chem_comp_bond.value_order 
_chem_comp_bond.pdbx_aromatic_flag 
_chem_comp_bond.pdbx_stereo_config 
_chem_comp_bond.pdbx_ordinal 
1W5 "O3'" "C3'"  sing N N 1   
1W5 N4    C4     sing N N 2   
1W5 "C3'" "C2'"  sing N N 3   
1W5 "C3'" "C4'"  sing N N 4   
1W5 "C2'" "C1'"  sing N N 5   
1W5 N3    C4     doub Y N 6   
1W5 N3    C2     sing Y N 7   
1W5 O2    C2     sing N N 8   
1W5 C4    C5     sing Y N 9   
1W5 C2    C1     doub Y N 10  
1W5 ON1   N      doub N N 11  
1W5 C5    N      sing N N 12  
1W5 C5    C6     doub Y N 13  
1W5 C1    C6     sing Y N 14  
1W5 C1    "C1'"  sing N N 15  
1W5 N     ON2    sing N N 16  
1W5 OP2   P      doub N N 17  
1W5 "C1'" "O4'"  sing N N 18  
1W5 "O5'" P      sing N N 19  
1W5 "O5'" "C5'"  sing N N 20  
1W5 "C4'" "C5'"  sing N N 21  
1W5 "C4'" "O4'"  sing N N 22  
1W5 P     OP1    sing N N 23  
1W5 P     OP3    sing N N 24  
1W5 N4    H1     sing N N 25  
1W5 N4    H2     sing N N 26  
1W5 C6    H4     sing N N 27  
1W5 "C1'" H5     sing N N 28  
1W5 "C2'" H6     sing N N 29  
1W5 "C2'" H7     sing N N 30  
1W5 "C3'" H8     sing N N 31  
1W5 "O3'" H9     sing N N 32  
1W5 "C4'" H10    sing N N 33  
1W5 "C5'" H11    sing N N 34  
1W5 "C5'" H12    sing N N 35  
1W5 OP1   HOP1   sing N N 36  
1W5 OP3   HOP3   sing N N 37  
1W5 O2    H15    sing N N 38  
1WA P     OP3    sing N N 39  
1WA OP3   HOP3   sing N N 40  
1WA OP2   P      doub N N 41  
1WA "O5'" P      sing N N 42  
1WA P     OP1    sing N N 43  
1WA C2    N1     doub Y N 44  
1WA N1    C6     sing Y N 45  
1WA N2    C2     sing N N 46  
1WA C2    N3     sing Y N 47  
1WA N2    HN2    sing N N 48  
1WA N2    HN2A   sing N N 49  
1WA N3    C4     sing Y N 50  
1WA N3    HN3    sing N N 51  
1WA C4    N5     sing Y N 52  
1WA C4    N9     doub Y N 53  
1WA C6    N5     doub Y N 54  
1WA N5    C7     sing Y N 55  
1WA C6    O6     sing N N 56  
1WA C7    C8     doub Y N 57  
1WA C7    H7     sing N N 58  
1WA N9    C8     sing Y N 59  
1WA C8    H8     sing N N 60  
1WA N9    "C1'"  sing N N 61  
1WA "C2'" "C1'"  sing N N 62  
1WA "C1'" "O4'"  sing N N 63  
1WA "C1'" "H1'"  sing N N 64  
1WA "C2'" "C3'"  sing N N 65  
1WA "C2'" "H2'"  sing N N 66  
1WA "C2'" "H2'A" sing N N 67  
1WA "O3'" "C3'"  sing N N 68  
1WA "C3'" "C4'"  sing N N 69  
1WA "C3'" "H3'"  sing N N 70  
1WA "O3'" "HO3'" sing N N 71  
1WA "C4'" "O4'"  sing N N 72  
1WA "C4'" "C5'"  sing N N 73  
1WA "C4'" "H4'"  sing N N 74  
1WA "O5'" "C5'"  sing N N 75  
1WA "C5'" "H5'"  sing N N 76  
1WA "C5'" "H5'A" sing N N 77  
1WA OP1   HOP1   sing N N 78  
1WA O6    HO6    sing N N 79  
DA  OP3   P      sing N N 80  
DA  OP3   HOP3   sing N N 81  
DA  P     OP1    doub N N 82  
DA  P     OP2    sing N N 83  
DA  P     "O5'"  sing N N 84  
DA  OP2   HOP2   sing N N 85  
DA  "O5'" "C5'"  sing N N 86  
DA  "C5'" "C4'"  sing N N 87  
DA  "C5'" "H5'"  sing N N 88  
DA  "C5'" "H5''" sing N N 89  
DA  "C4'" "O4'"  sing N N 90  
DA  "C4'" "C3'"  sing N N 91  
DA  "C4'" "H4'"  sing N N 92  
DA  "O4'" "C1'"  sing N N 93  
DA  "C3'" "O3'"  sing N N 94  
DA  "C3'" "C2'"  sing N N 95  
DA  "C3'" "H3'"  sing N N 96  
DA  "O3'" "HO3'" sing N N 97  
DA  "C2'" "C1'"  sing N N 98  
DA  "C2'" "H2'"  sing N N 99  
DA  "C2'" "H2''" sing N N 100 
DA  "C1'" N9     sing N N 101 
DA  "C1'" "H1'"  sing N N 102 
DA  N9    C8     sing Y N 103 
DA  N9    C4     sing Y N 104 
DA  C8    N7     doub Y N 105 
DA  C8    H8     sing N N 106 
DA  N7    C5     sing Y N 107 
DA  C5    C6     sing Y N 108 
DA  C5    C4     doub Y N 109 
DA  C6    N6     sing N N 110 
DA  C6    N1     doub Y N 111 
DA  N6    H61    sing N N 112 
DA  N6    H62    sing N N 113 
DA  N1    C2     sing Y N 114 
DA  C2    N3     doub Y N 115 
DA  C2    H2     sing N N 116 
DA  N3    C4     sing Y N 117 
DC  OP3   P      sing N N 118 
DC  OP3   HOP3   sing N N 119 
DC  P     OP1    doub N N 120 
DC  P     OP2    sing N N 121 
DC  P     "O5'"  sing N N 122 
DC  OP2   HOP2   sing N N 123 
DC  "O5'" "C5'"  sing N N 124 
DC  "C5'" "C4'"  sing N N 125 
DC  "C5'" "H5'"  sing N N 126 
DC  "C5'" "H5''" sing N N 127 
DC  "C4'" "O4'"  sing N N 128 
DC  "C4'" "C3'"  sing N N 129 
DC  "C4'" "H4'"  sing N N 130 
DC  "O4'" "C1'"  sing N N 131 
DC  "C3'" "O3'"  sing N N 132 
DC  "C3'" "C2'"  sing N N 133 
DC  "C3'" "H3'"  sing N N 134 
DC  "O3'" "HO3'" sing N N 135 
DC  "C2'" "C1'"  sing N N 136 
DC  "C2'" "H2'"  sing N N 137 
DC  "C2'" "H2''" sing N N 138 
DC  "C1'" N1     sing N N 139 
DC  "C1'" "H1'"  sing N N 140 
DC  N1    C2     sing N N 141 
DC  N1    C6     sing N N 142 
DC  C2    O2     doub N N 143 
DC  C2    N3     sing N N 144 
DC  N3    C4     doub N N 145 
DC  C4    N4     sing N N 146 
DC  C4    C5     sing N N 147 
DC  N4    H41    sing N N 148 
DC  N4    H42    sing N N 149 
DC  C5    C6     doub N N 150 
DC  C5    H5     sing N N 151 
DC  C6    H6     sing N N 152 
DG  OP3   P      sing N N 153 
DG  OP3   HOP3   sing N N 154 
DG  P     OP1    doub N N 155 
DG  P     OP2    sing N N 156 
DG  P     "O5'"  sing N N 157 
DG  OP2   HOP2   sing N N 158 
DG  "O5'" "C5'"  sing N N 159 
DG  "C5'" "C4'"  sing N N 160 
DG  "C5'" "H5'"  sing N N 161 
DG  "C5'" "H5''" sing N N 162 
DG  "C4'" "O4'"  sing N N 163 
DG  "C4'" "C3'"  sing N N 164 
DG  "C4'" "H4'"  sing N N 165 
DG  "O4'" "C1'"  sing N N 166 
DG  "C3'" "O3'"  sing N N 167 
DG  "C3'" "C2'"  sing N N 168 
DG  "C3'" "H3'"  sing N N 169 
DG  "O3'" "HO3'" sing N N 170 
DG  "C2'" "C1'"  sing N N 171 
DG  "C2'" "H2'"  sing N N 172 
DG  "C2'" "H2''" sing N N 173 
DG  "C1'" N9     sing N N 174 
DG  "C1'" "H1'"  sing N N 175 
DG  N9    C8     sing Y N 176 
DG  N9    C4     sing Y N 177 
DG  C8    N7     doub Y N 178 
DG  C8    H8     sing N N 179 
DG  N7    C5     sing Y N 180 
DG  C5    C6     sing N N 181 
DG  C5    C4     doub Y N 182 
DG  C6    O6     doub N N 183 
DG  C6    N1     sing N N 184 
DG  N1    C2     sing N N 185 
DG  N1    H1     sing N N 186 
DG  C2    N2     sing N N 187 
DG  C2    N3     doub N N 188 
DG  N2    H21    sing N N 189 
DG  N2    H22    sing N N 190 
DG  N3    C4     sing N N 191 
DT  OP3   P      sing N N 192 
DT  OP3   HOP3   sing N N 193 
DT  P     OP1    doub N N 194 
DT  P     OP2    sing N N 195 
DT  P     "O5'"  sing N N 196 
DT  OP2   HOP2   sing N N 197 
DT  "O5'" "C5'"  sing N N 198 
DT  "C5'" "C4'"  sing N N 199 
DT  "C5'" "H5'"  sing N N 200 
DT  "C5'" "H5''" sing N N 201 
DT  "C4'" "O4'"  sing N N 202 
DT  "C4'" "C3'"  sing N N 203 
DT  "C4'" "H4'"  sing N N 204 
DT  "O4'" "C1'"  sing N N 205 
DT  "C3'" "O3'"  sing N N 206 
DT  "C3'" "C2'"  sing N N 207 
DT  "C3'" "H3'"  sing N N 208 
DT  "O3'" "HO3'" sing N N 209 
DT  "C2'" "C1'"  sing N N 210 
DT  "C2'" "H2'"  sing N N 211 
DT  "C2'" "H2''" sing N N 212 
DT  "C1'" N1     sing N N 213 
DT  "C1'" "H1'"  sing N N 214 
DT  N1    C2     sing N N 215 
DT  N1    C6     sing N N 216 
DT  C2    O2     doub N N 217 
DT  C2    N3     sing N N 218 
DT  N3    C4     sing N N 219 
DT  N3    H3     sing N N 220 
DT  C4    O4     doub N N 221 
DT  C4    C5     sing N N 222 
DT  C5    C7     sing N N 223 
DT  C5    C6     doub N N 224 
DT  C7    H71    sing N N 225 
DT  C7    H72    sing N N 226 
DT  C7    H73    sing N N 227 
DT  C6    H6     sing N N 228 
HOH O     H1     sing N N 229 
HOH O     H2     sing N N 230 
# 
loop_
_ndb_struct_conf_na.entry_id 
_ndb_struct_conf_na.feature 
5LJ4 'double helix'        
5LJ4 'b-form double helix' 
# 
loop_
_ndb_struct_na_base_pair.model_number 
_ndb_struct_na_base_pair.i_label_asym_id 
_ndb_struct_na_base_pair.i_label_comp_id 
_ndb_struct_na_base_pair.i_label_seq_id 
_ndb_struct_na_base_pair.i_symmetry 
_ndb_struct_na_base_pair.j_label_asym_id 
_ndb_struct_na_base_pair.j_label_comp_id 
_ndb_struct_na_base_pair.j_label_seq_id 
_ndb_struct_na_base_pair.j_symmetry 
_ndb_struct_na_base_pair.shear 
_ndb_struct_na_base_pair.stretch 
_ndb_struct_na_base_pair.stagger 
_ndb_struct_na_base_pair.buckle 
_ndb_struct_na_base_pair.propeller 
_ndb_struct_na_base_pair.opening 
_ndb_struct_na_base_pair.pair_number 
_ndb_struct_na_base_pair.pair_name 
_ndb_struct_na_base_pair.i_auth_asym_id 
_ndb_struct_na_base_pair.i_auth_seq_id 
_ndb_struct_na_base_pair.i_PDB_ins_code 
_ndb_struct_na_base_pair.j_auth_asym_id 
_ndb_struct_na_base_pair.j_auth_seq_id 
_ndb_struct_na_base_pair.j_PDB_ins_code 
_ndb_struct_na_base_pair.hbond_type_28 
_ndb_struct_na_base_pair.hbond_type_12 
1 A DG 2  1_555 B DC 11 1_555 -0.246 -0.218 0.141  -12.800 -0.244  -4.411 1 A_DG2:DC23_B  A 2  ? B 23 ? 19 1 
1 A DC 3  1_555 B DG 10 1_555 0.254  -0.003 0.482  -10.044 4.805   -0.687 2 A_DC3:DG22_B  A 3  ? B 22 ? 19 1 
1 A DA 5  1_555 B DT 8  1_555 0.204  -0.108 -0.330 0.491   -13.264 2.447  3 A_DA5:DT20_B  A 5  ? B 20 ? 20 1 
1 A DA 6  1_555 B DT 7  1_555 -0.272 0.084  -0.205 -0.307  -13.635 3.662  4 A_DA6:DT19_B  A 6  ? B 19 ? 20 1 
1 A DT 7  1_555 B DA 6  1_555 0.158  -0.065 -0.030 0.549   -11.103 0.913  5 A_DT7:DA18_B  A 7  ? B 18 ? 20 1 
1 A DT 8  1_555 B DA 5  1_555 -0.154 -0.057 -0.291 -1.649  -9.342  -3.280 6 A_DT8:DA17_B  A 8  ? B 17 ? 20 1 
1 A DG 10 1_555 B DC 3  1_555 0.207  -0.009 0.169  3.947   6.980   -1.952 7 A_DG10:DC15_B A 10 ? B 15 ? 19 1 
1 A DC 11 1_555 B DG 2  1_555 0.003  -0.048 0.034  13.557  0.315   -3.816 8 A_DC11:DG14_B A 11 ? B 14 ? 19 1 
# 
loop_
_ndb_struct_na_base_pair_step.model_number 
_ndb_struct_na_base_pair_step.i_label_asym_id_1 
_ndb_struct_na_base_pair_step.i_label_comp_id_1 
_ndb_struct_na_base_pair_step.i_label_seq_id_1 
_ndb_struct_na_base_pair_step.i_symmetry_1 
_ndb_struct_na_base_pair_step.j_label_asym_id_1 
_ndb_struct_na_base_pair_step.j_label_comp_id_1 
_ndb_struct_na_base_pair_step.j_label_seq_id_1 
_ndb_struct_na_base_pair_step.j_symmetry_1 
_ndb_struct_na_base_pair_step.i_label_asym_id_2 
_ndb_struct_na_base_pair_step.i_label_comp_id_2 
_ndb_struct_na_base_pair_step.i_label_seq_id_2 
_ndb_struct_na_base_pair_step.i_symmetry_2 
_ndb_struct_na_base_pair_step.j_label_asym_id_2 
_ndb_struct_na_base_pair_step.j_label_comp_id_2 
_ndb_struct_na_base_pair_step.j_label_seq_id_2 
_ndb_struct_na_base_pair_step.j_symmetry_2 
_ndb_struct_na_base_pair_step.shift 
_ndb_struct_na_base_pair_step.slide 
_ndb_struct_na_base_pair_step.rise 
_ndb_struct_na_base_pair_step.tilt 
_ndb_struct_na_base_pair_step.roll 
_ndb_struct_na_base_pair_step.twist 
_ndb_struct_na_base_pair_step.x_displacement 
_ndb_struct_na_base_pair_step.y_displacement 
_ndb_struct_na_base_pair_step.helical_rise 
_ndb_struct_na_base_pair_step.inclination 
_ndb_struct_na_base_pair_step.tip 
_ndb_struct_na_base_pair_step.helical_twist 
_ndb_struct_na_base_pair_step.step_number 
_ndb_struct_na_base_pair_step.step_name 
_ndb_struct_na_base_pair_step.i_auth_asym_id_1 
_ndb_struct_na_base_pair_step.i_auth_seq_id_1 
_ndb_struct_na_base_pair_step.i_PDB_ins_code_1 
_ndb_struct_na_base_pair_step.j_auth_asym_id_1 
_ndb_struct_na_base_pair_step.j_auth_seq_id_1 
_ndb_struct_na_base_pair_step.j_PDB_ins_code_1 
_ndb_struct_na_base_pair_step.i_auth_asym_id_2 
_ndb_struct_na_base_pair_step.i_auth_seq_id_2 
_ndb_struct_na_base_pair_step.i_PDB_ins_code_2 
_ndb_struct_na_base_pair_step.j_auth_asym_id_2 
_ndb_struct_na_base_pair_step.j_auth_seq_id_2 
_ndb_struct_na_base_pair_step.j_PDB_ins_code_2 
1 A DG 2  1_555 B DC 11 1_555 A DC 3  1_555 B DG 10 1_555 0.753  0.162  3.436 -3.384 -4.506 37.027 0.866  -1.634 3.315 -7.045 
5.290  37.438 1 AA_DG2DC3:DG22DC23_BB   A 2  ? B 23 ? A 3  ? B 22 ? 
1 A DC 3  1_555 B DG 10 1_555 A DA 5  1_555 B DT 8  1_555 -0.720 -0.380 6.294 3.144  4.889  64.077 -0.756 0.934  6.216 4.598  
-2.957 64.313 2 AA_DC3DA5:DT20DG22_BB   A 3  ? B 22 ? A 5  ? B 20 ? 
1 A DA 5  1_555 B DT 8  1_555 A DA 6  1_555 B DT 7  1_555 -0.181 -0.150 3.233 -0.922 -0.539 34.876 -0.169 0.165  3.239 -0.900 
1.537  34.891 3 AA_DA5DA6:DT19DT20_BB   A 5  ? B 20 ? A 6  ? B 19 ? 
1 A DA 6  1_555 B DT 7  1_555 A DT 7  1_555 B DA 6  1_555 -0.114 -0.237 3.305 -3.004 -6.220 39.510 0.378  -0.183 3.303 -9.117 
4.402  40.086 4 AA_DA6DT7:DA18DT19_BB   A 6  ? B 19 ? A 7  ? B 18 ? 
1 A DT 7  1_555 B DA 6  1_555 A DT 8  1_555 B DA 5  1_555 0.029  -0.330 3.239 2.912  -1.630 36.152 -0.303 0.357  3.243 -2.619 
-4.680 36.300 5 AA_DT7DT8:DA17DA18_BB   A 7  ? B 18 ? A 8  ? B 17 ? 
1 A DT 8  1_555 B DA 5  1_555 A DG 10 1_555 B DC 3  1_555 0.685  -0.141 6.516 -0.327 5.176  69.672 -0.492 -0.621 6.490 4.524  
0.286  69.841 6 AA_DT8DG10:DC15DA17_BB  A 8  ? B 17 ? A 10 ? B 15 ? 
1 A DG 10 1_555 B DC 3  1_555 A DC 11 1_555 B DG 2  1_555 -0.539 0.194  3.231 1.291  -5.364 32.354 1.247  1.171  3.136 -9.540 
-2.296 32.808 7 AA_DG10DC11:DG14DC15_BB A 10 ? B 15 ? A 11 ? B 14 ? 
# 
_pdbx_audit_support.funding_organization   'Biotechnology and Biological Sciences Research Council' 
_pdbx_audit_support.country                'United Kingdom' 
_pdbx_audit_support.grant_number           BB/J02080X/1 
_pdbx_audit_support.ordinal                1 
# 
_pdbx_initial_refinement_model.id               1 
_pdbx_initial_refinement_model.entity_id_list   ? 
_pdbx_initial_refinement_model.type             'experimental model' 
_pdbx_initial_refinement_model.source_name      PDB 
_pdbx_initial_refinement_model.accession_code   463D 
_pdbx_initial_refinement_model.details          ? 
# 
_atom_sites.entry_id                    5LJ4 
_atom_sites.fract_transf_matrix[1][1]   -0.01960596 
_atom_sites.fract_transf_matrix[1][2]   0.01681113 
_atom_sites.fract_transf_matrix[1][3]   -0.00998822 
_atom_sites.fract_transf_matrix[2][1]   -0.01610275 
_atom_sites.fract_transf_matrix[2][2]   -0.00839508 
_atom_sites.fract_transf_matrix[2][3]   -0.02090492 
_atom_sites.fract_transf_matrix[3][1]   -0.00655955 
_atom_sites.fract_transf_matrix[3][2]   -0.00375265 
_atom_sites.fract_transf_matrix[3][3]   0.00655973 
_atom_sites.fract_transf_vector[1]      1.015045 
_atom_sites.fract_transf_vector[2]      0.330548 
_atom_sites.fract_transf_vector[3]      -0.003149 
# 
loop_
_atom_type.symbol 
C  
CA 
N  
O  
P  
# 
loop_
_atom_site.group_PDB 
_atom_site.id 
_atom_site.type_symbol 
_atom_site.label_atom_id 
_atom_site.label_alt_id 
_atom_site.label_comp_id 
_atom_site.label_asym_id 
_atom_site.label_entity_id 
_atom_site.label_seq_id 
_atom_site.pdbx_PDB_ins_code 
_atom_site.Cartn_x 
_atom_site.Cartn_y 
_atom_site.Cartn_z 
_atom_site.occupancy 
_atom_site.B_iso_or_equiv 
_atom_site.pdbx_formal_charge 
_atom_site.auth_seq_id 
_atom_site.auth_comp_id 
_atom_site.auth_asym_id 
_atom_site.auth_atom_id 
_atom_site.pdbx_PDB_model_num 
ATOM   1   P  P     . DG  A 1 2  ? -17.851 -1.983  6.282   1.00 89.38  ? 2   DG  A P     1 
ATOM   2   O  OP1   . DG  A 1 2  ? -17.197 -2.120  4.958   1.00 86.49  ? 2   DG  A OP1   1 
ATOM   3   O  OP2   . DG  A 1 2  ? -18.241 -3.202  7.037   1.00 80.66  ? 2   DG  A OP2   1 
ATOM   4   O  "O5'" . DG  A 1 2  ? -16.779 -1.284  7.225   1.00 78.14  ? 2   DG  A "O5'" 1 
ATOM   5   C  "C5'" . DG  A 1 2  ? -17.021 -1.224  8.639   1.00 72.38  ? 2   DG  A "C5'" 1 
ATOM   6   C  "C4'" . DG  A 1 2  ? -16.084 -0.261  9.335   1.00 69.19  ? 2   DG  A "C4'" 1 
ATOM   7   O  "O4'" . DG  A 1 2  ? -14.918 -0.969  9.806   1.00 61.15  ? 2   DG  A "O4'" 1 
ATOM   8   C  "C3'" . DG  A 1 2  ? -15.523 0.907   8.530   1.00 68.72  ? 2   DG  A "C3'" 1 
ATOM   9   O  "O3'" . DG  A 1 2  ? -15.245 1.886   9.547   1.00 74.38  ? 2   DG  A "O3'" 1 
ATOM   10  C  "C2'" . DG  A 1 2  ? -14.265 0.306   7.918   1.00 66.39  ? 2   DG  A "C2'" 1 
ATOM   11  C  "C1'" . DG  A 1 2  ? -13.772 -0.627  9.030   1.00 62.33  ? 2   DG  A "C1'" 1 
ATOM   12  N  N9    . DG  A 1 2  ? -13.135 -1.887  8.654   1.00 55.96  ? 2   DG  A N9    1 
ATOM   13  C  C8    . DG  A 1 2  ? -13.606 -2.813  7.756   1.00 56.45  ? 2   DG  A C8    1 
ATOM   14  N  N7    . DG  A 1 2  ? -12.892 -3.905  7.725   1.00 58.96  ? 2   DG  A N7    1 
ATOM   15  C  C5    . DG  A 1 2  ? -11.906 -3.698  8.678   1.00 49.30  ? 2   DG  A C5    1 
ATOM   16  C  C6    . DG  A 1 2  ? -10.844 -4.537  9.095   1.00 48.32  ? 2   DG  A C6    1 
ATOM   17  O  O6    . DG  A 1 2  ? -10.560 -5.671  8.696   1.00 52.41  ? 2   DG  A O6    1 
ATOM   18  N  N1    . DG  A 1 2  ? -10.092 -3.949  10.112  1.00 43.46  ? 2   DG  A N1    1 
ATOM   19  C  C2    . DG  A 1 2  ? -10.333 -2.707  10.655  1.00 44.14  ? 2   DG  A C2    1 
ATOM   20  N  N2    . DG  A 1 2  ? -9.483  -2.296  11.615  1.00 42.44  ? 2   DG  A N2    1 
ATOM   21  N  N3    . DG  A 1 2  ? -11.309 -1.906  10.257  1.00 45.84  ? 2   DG  A N3    1 
ATOM   22  C  C4    . DG  A 1 2  ? -12.060 -2.468  9.283   1.00 50.45  ? 2   DG  A C4    1 
ATOM   23  P  P     . DC  A 1 3  ? -14.723 3.359   9.195   1.00 78.22  ? 3   DC  A P     1 
ATOM   24  O  OP1   . DC  A 1 3  ? -15.124 4.268   10.308  1.00 81.78  ? 3   DC  A OP1   1 
ATOM   25  O  OP2   . DC  A 1 3  ? -15.051 3.663   7.789   1.00 67.61  ? 3   DC  A OP2   1 
ATOM   26  O  "O5'" . DC  A 1 3  ? -13.146 3.204   9.254   1.00 66.71  ? 3   DC  A "O5'" 1 
ATOM   27  C  "C5'" . DC  A 1 3  ? -12.491 3.254   10.515  1.00 63.16  ? 3   DC  A "C5'" 1 
ATOM   28  C  "C4'" . DC  A 1 3  ? -11.071 2.793   10.320  1.00 60.51  ? 3   DC  A "C4'" 1 
ATOM   29  O  "O4'" . DC  A 1 3  ? -11.059 1.520   9.662   1.00 59.60  ? 3   DC  A "O4'" 1 
ATOM   30  C  "C3'" . DC  A 1 3  ? -10.243 3.701   9.419   1.00 55.53  ? 3   DC  A "C3'" 1 
ATOM   31  O  "O3'" . DC  A 1 3  ? -9.435  4.466   10.303  1.00 57.47  ? 3   DC  A "O3'" 1 
ATOM   32  C  "C2'" . DC  A 1 3  ? -9.427  2.742   8.556   1.00 55.67  ? 3   DC  A "C2'" 1 
ATOM   33  C  "C1'" . DC  A 1 3  ? -9.768  1.379   9.116   1.00 55.11  ? 3   DC  A "C1'" 1 
ATOM   34  N  N1    . DC  A 1 3  ? -9.824  0.290   8.146   1.00 50.39  ? 3   DC  A N1    1 
ATOM   35  C  C2    . DC  A 1 3  ? -8.891  -0.742  8.242   1.00 50.07  ? 3   DC  A C2    1 
ATOM   36  O  O2    . DC  A 1 3  ? -8.000  -0.666  9.103   1.00 50.91  ? 3   DC  A O2    1 
ATOM   37  N  N3    . DC  A 1 3  ? -8.947  -1.767  7.360   1.00 46.91  ? 3   DC  A N3    1 
ATOM   38  C  C4    . DC  A 1 3  ? -9.906  -1.798  6.433   1.00 50.83  ? 3   DC  A C4    1 
ATOM   39  N  N4    . DC  A 1 3  ? -9.933  -2.838  5.595   1.00 53.54  ? 3   DC  A N4    1 
ATOM   40  C  C5    . DC  A 1 3  ? -10.878 -0.764  6.321   1.00 48.20  ? 3   DC  A C5    1 
ATOM   41  C  C6    . DC  A 1 3  ? -10.812 0.243   7.204   1.00 48.83  ? 3   DC  A C6    1 
HETATM 42  P  P     . 1WA A 1 4  ? -8.672  5.758   9.769   1.00 62.25  ? 4   1WA A P     1 
HETATM 43  N  N1    . 1WA A 1 4  ? -5.274  -2.006  6.373   1.00 46.78  ? 4   1WA A N1    1 
HETATM 44  C  C2    . 1WA A 1 4  ? -4.580  -1.661  7.452   1.00 49.33  ? 4   1WA A C2    1 
HETATM 45  N  N2    . 1WA A 1 4  ? -3.788  -2.538  8.029   1.00 47.61  ? 4   1WA A N2    1 
HETATM 46  N  N3    . 1WA A 1 4  ? -4.623  -0.416  7.970   1.00 48.25  ? 4   1WA A N3    1 
HETATM 47  C  C4    . 1WA A 1 4  ? -5.496  0.457   7.462   1.00 48.82  ? 4   1WA A C4    1 
HETATM 48  N  N5    . 1WA A 1 4  ? -6.261  0.117   6.432   1.00 48.71  ? 4   1WA A N5    1 
HETATM 49  C  C6    . 1WA A 1 4  ? -6.181  -1.176  5.869   1.00 44.59  ? 4   1WA A C6    1 
HETATM 50  O  O6    . 1WA A 1 4  ? -7.012  -1.598  4.885   1.00 50.33  ? 4   1WA A O6    1 
HETATM 51  C  C7    . 1WA A 1 4  ? -7.009  1.226   6.131   1.00 49.11  ? 4   1WA A C7    1 
HETATM 52  C  C8    . 1WA A 1 4  ? -6.533  2.250   6.872   1.00 49.12  ? 4   1WA A C8    1 
HETATM 53  N  N9    . 1WA A 1 4  ? -5.698  1.752   7.801   1.00 47.96  ? 4   1WA A N9    1 
HETATM 54  C  "C1'" . 1WA A 1 4  ? -5.052  2.451   8.912   1.00 50.55  ? 4   1WA A "C1'" 1 
HETATM 55  C  "C2'" . 1WA A 1 4  ? -4.424  3.799   8.562   1.00 56.69  ? 4   1WA A "C2'" 1 
HETATM 56  C  "C3'" . 1WA A 1 4  ? -4.302  4.445   9.952   1.00 55.06  ? 4   1WA A "C3'" 1 
HETATM 57  O  "O3'" . 1WA A 1 4  ? -3.134  4.188   10.741  1.00 56.66  ? 4   1WA A "O3'" 1 
HETATM 58  C  "C4'" . 1WA A 1 4  ? -5.490  3.839   10.717  1.00 53.13  ? 4   1WA A "C4'" 1 
HETATM 59  O  "O4'" . 1WA A 1 4  ? -6.031  2.773   9.901   1.00 45.85  ? 4   1WA A "O4'" 1 
HETATM 60  C  "C5'" . 1WA A 1 4  ? -6.554  4.877   10.983  1.00 54.85  ? 4   1WA A "C5'" 1 
HETATM 61  O  "O5'" . 1WA A 1 4  ? -7.146  5.272   9.744   1.00 54.31  ? 4   1WA A "O5'" 1 
HETATM 62  O  OP1   . 1WA A 1 4  ? -8.832  6.570   10.485  1.00 60.94  ? 4   1WA A OP1   1 
HETATM 63  O  OP2   . 1WA A 1 4  ? -9.128  5.981   8.401   1.00 50.09  ? 4   1WA A OP2   1 
ATOM   64  P  P     . DA  A 1 5  ? -1.673  4.518   10.193  1.00 67.60  ? 5   DA  A P     1 
ATOM   65  O  OP1   . DA  A 1 5  ? -0.879  5.076   11.307  1.00 75.55  ? 5   DA  A OP1   1 
ATOM   66  O  OP2   . DA  A 1 5  ? -1.784  5.267   8.927   1.00 75.92  ? 5   DA  A OP2   1 
ATOM   67  O  "O5'" . DA  A 1 5  ? -1.131  3.067   9.855   1.00 63.66  ? 5   DA  A "O5'" 1 
ATOM   68  C  "C5'" . DA  A 1 5  ? -1.034  2.075   10.892  1.00 58.28  ? 5   DA  A "C5'" 1 
ATOM   69  C  "C4'" . DA  A 1 5  ? -0.195  0.931   10.383  1.00 59.67  ? 5   DA  A "C4'" 1 
ATOM   70  O  "O4'" . DA  A 1 5  ? -0.934  0.265   9.336   1.00 66.27  ? 5   DA  A "O4'" 1 
ATOM   71  C  "C3'" . DA  A 1 5  ? 1.121   1.374   9.742   1.00 63.21  ? 5   DA  A "C3'" 1 
ATOM   72  O  "O3'" . DA  A 1 5  ? 2.132   0.395   9.926   1.00 68.73  ? 5   DA  A "O3'" 1 
ATOM   73  C  "C2'" . DA  A 1 5  ? 0.775   1.505   8.270   1.00 62.92  ? 5   DA  A "C2'" 1 
ATOM   74  C  "C1'" . DA  A 1 5  ? -0.246  0.405   8.087   1.00 63.50  ? 5   DA  A "C1'" 1 
ATOM   75  N  N9    . DA  A 1 5  ? -1.245  0.639   7.051   1.00 53.06  ? 5   DA  A N9    1 
ATOM   76  C  C8    . DA  A 1 5  ? -1.990  1.765   6.797   1.00 52.47  ? 5   DA  A C8    1 
ATOM   77  N  N7    . DA  A 1 5  ? -2.844  1.622   5.811   1.00 52.31  ? 5   DA  A N7    1 
ATOM   78  C  C5    . DA  A 1 5  ? -2.620  0.326   5.362   1.00 49.16  ? 5   DA  A C5    1 
ATOM   79  C  C6    . DA  A 1 5  ? -3.203  -0.438  4.334   1.00 46.51  ? 5   DA  A C6    1 
ATOM   80  N  N6    . DA  A 1 5  ? -4.157  0.016   3.519   1.00 46.10  ? 5   DA  A N6    1 
ATOM   81  N  N1    . DA  A 1 5  ? -2.763  -1.703  4.165   1.00 45.81  ? 5   DA  A N1    1 
ATOM   82  C  C2    . DA  A 1 5  ? -1.798  -2.162  4.975   1.00 47.09  ? 5   DA  A C2    1 
ATOM   83  N  N3    . DA  A 1 5  ? -1.173  -1.542  5.973   1.00 53.18  ? 5   DA  A N3    1 
ATOM   84  C  C4    . DA  A 1 5  ? -1.643  -0.293  6.124   1.00 50.67  ? 5   DA  A C4    1 
ATOM   85  P  P     . DA  A 1 6  ? 3.637   0.737   9.498   1.00 74.73  ? 6   DA  A P     1 
ATOM   86  O  OP1   . DA  A 1 6  ? 4.468   0.716   10.713  1.00 81.15  ? 6   DA  A OP1   1 
ATOM   87  O  OP2   . DA  A 1 6  ? 3.620   1.977   8.672   1.00 68.24  ? 6   DA  A OP2   1 
ATOM   88  O  "O5'" . DA  A 1 6  ? 4.036   -0.519  8.597   1.00 63.62  ? 6   DA  A "O5'" 1 
ATOM   89  C  "C5'" . DA  A 1 6  ? 3.231   -1.712  8.596   1.00 58.45  ? 6   DA  A "C5'" 1 
ATOM   90  C  "C4'" . DA  A 1 6  ? 3.549   -2.590  7.412   1.00 62.74  ? 6   DA  A "C4'" 1 
ATOM   91  O  "O4'" . DA  A 1 6  ? 2.559   -2.408  6.372   1.00 61.14  ? 6   DA  A "O4'" 1 
ATOM   92  C  "C3'" . DA  A 1 6  ? 4.900   -2.364  6.735   1.00 61.43  ? 6   DA  A "C3'" 1 
ATOM   93  O  "O3'" . DA  A 1 6  ? 5.287   -3.672  6.301   1.00 72.83  ? 6   DA  A "O3'" 1 
ATOM   94  C  "C2'" . DA  A 1 6  ? 4.556   -1.415  5.595   1.00 55.49  ? 6   DA  A "C2'" 1 
ATOM   95  C  "C1'" . DA  A 1 6  ? 3.175   -1.911  5.189   1.00 56.56  ? 6   DA  A "C1'" 1 
ATOM   96  N  N9    . DA  A 1 6  ? 2.265   -0.927  4.604   1.00 48.88  ? 6   DA  A N9    1 
ATOM   97  C  C8    . DA  A 1 6  ? 2.041   0.375   4.977   1.00 48.25  ? 6   DA  A C8    1 
ATOM   98  N  N7    . DA  A 1 6  ? 1.102   0.969   4.279   1.00 47.84  ? 6   DA  A N7    1 
ATOM   99  C  C5    . DA  A 1 6  ? 0.661   -0.018  3.404   1.00 44.19  ? 6   DA  A C5    1 
ATOM   100 C  C6    . DA  A 1 6  ? -0.307  -0.017  2.380   1.00 46.95  ? 6   DA  A C6    1 
ATOM   101 N  N6    . DA  A 1 6  ? -1.060  1.043   2.075   1.00 51.60  ? 6   DA  A N6    1 
ATOM   102 N  N1    . DA  A 1 6  ? -0.505  -1.167  1.698   1.00 49.90  ? 6   DA  A N1    1 
ATOM   103 C  C2    . DA  A 1 6  ? 0.257   -2.229  1.999   1.00 49.21  ? 6   DA  A C2    1 
ATOM   104 N  N3    . DA  A 1 6  ? 1.217   -2.343  2.917   1.00 48.75  ? 6   DA  A N3    1 
ATOM   105 C  C4    . DA  A 1 6  ? 1.375   -1.187  3.589   1.00 44.16  ? 6   DA  A C4    1 
ATOM   106 P  P     . DT  A 1 7  ? 6.664   -3.917  5.529   1.00 72.76  ? 7   DT  A P     1 
ATOM   107 O  OP1   . DT  A 1 7  ? 7.251   -5.160  6.086   1.00 70.26  ? 7   DT  A OP1   1 
ATOM   108 O  OP2   . DT  A 1 7  ? 7.438   -2.664  5.570   1.00 56.04  ? 7   DT  A OP2   1 
ATOM   109 O  "O5'" . DT  A 1 7  ? 6.148   -4.249  4.064   1.00 64.20  ? 7   DT  A "O5'" 1 
ATOM   110 C  "C5'" . DT  A 1 7  ? 5.220   -5.336  3.921   1.00 63.02  ? 7   DT  A "C5'" 1 
ATOM   111 C  "C4'" . DT  A 1 7  ? 4.734   -5.406  2.496   1.00 66.59  ? 7   DT  A "C4'" 1 
ATOM   112 O  "O4'" . DT  A 1 7  ? 3.939   -4.235  2.184   1.00 65.23  ? 7   DT  A "O4'" 1 
ATOM   113 C  "C3'" . DT  A 1 7  ? 5.856   -5.456  1.452   1.00 63.01  ? 7   DT  A "C3'" 1 
ATOM   114 O  "O3'" . DT  A 1 7  ? 5.570   -6.552  0.570   1.00 62.34  ? 7   DT  A "O3'" 1 
ATOM   115 C  "C2'" . DT  A 1 7  ? 5.778   -4.096  0.767   1.00 65.94  ? 7   DT  A "C2'" 1 
ATOM   116 C  "C1'" . DT  A 1 7  ? 4.296   -3.769  0.890   1.00 62.65  ? 7   DT  A "C1'" 1 
ATOM   117 N  N1    . DT  A 1 7  ? 3.928   -2.345  0.824   1.00 59.26  ? 7   DT  A N1    1 
ATOM   118 C  C2    . DT  A 1 7  ? 2.905   -1.936  -0.005  1.00 51.15  ? 7   DT  A C2    1 
ATOM   119 O  O2    . DT  A 1 7  ? 2.317   -2.687  -0.764  1.00 55.58  ? 7   DT  A O2    1 
ATOM   120 N  N3    . DT  A 1 7  ? 2.578   -0.606  0.104   1.00 50.72  ? 7   DT  A N3    1 
ATOM   121 C  C4    . DT  A 1 7  ? 3.170   0.332   0.927   1.00 52.89  ? 7   DT  A C4    1 
ATOM   122 O  O4    . DT  A 1 7  ? 2.793   1.496   0.896   1.00 50.60  ? 7   DT  A O4    1 
ATOM   123 C  C5    . DT  A 1 7  ? 4.222   -0.170  1.781   1.00 55.39  ? 7   DT  A C5    1 
ATOM   124 C  C7    . DT  A 1 7  ? 4.920   0.776   2.707   1.00 54.99  ? 7   DT  A C7    1 
ATOM   125 C  C6    . DT  A 1 7  ? 4.537   -1.466  1.693   1.00 61.47  ? 7   DT  A C6    1 
ATOM   126 P  P     . DT  A 1 8  ? 6.609   -6.949  -0.585  1.00 68.48  ? 8   DT  A P     1 
ATOM   127 O  OP1   . DT  A 1 8  ? 6.598   -8.436  -0.712  1.00 69.52  ? 8   DT  A OP1   1 
ATOM   128 O  OP2   . DT  A 1 8  ? 7.879   -6.233  -0.321  1.00 48.34  ? 8   DT  A OP2   1 
ATOM   129 O  "O5'" . DT  A 1 8  ? 5.863   -6.405  -1.878  1.00 63.23  ? 8   DT  A "O5'" 1 
ATOM   130 C  "C5'" . DT  A 1 8  ? 4.502   -6.828  -2.081  1.00 67.34  ? 8   DT  A "C5'" 1 
ATOM   131 C  "C4'" . DT  A 1 8  ? 3.915   -6.107  -3.267  1.00 74.88  ? 8   DT  A "C4'" 1 
ATOM   132 O  "O4'" . DT  A 1 8  ? 3.732   -4.707  -2.950  1.00 64.67  ? 8   DT  A "O4'" 1 
ATOM   133 C  "C3'" . DT  A 1 8  ? 4.773   -6.153  -4.538  1.00 66.34  ? 8   DT  A "C3'" 1 
ATOM   134 O  "O3'" . DT  A 1 8  ? 3.861   -6.598  -5.546  1.00 69.67  ? 8   DT  A "O3'" 1 
ATOM   135 C  "C2'" . DT  A 1 8  ? 5.362   -4.751  -4.608  1.00 64.15  ? 8   DT  A "C2'" 1 
ATOM   136 C  "C1'" . DT  A 1 8  ? 4.215   -3.932  -4.031  1.00 62.95  ? 8   DT  A "C1'" 1 
ATOM   137 N  N1    . DT  A 1 8  ? 4.493   -2.579  -3.508  1.00 51.33  ? 8   DT  A N1    1 
ATOM   138 C  C2    . DT  A 1 8  ? 3.612   -1.563  -3.816  1.00 52.70  ? 8   DT  A C2    1 
ATOM   139 O  O2    . DT  A 1 8  ? 2.671   -1.698  -4.584  1.00 57.70  ? 8   DT  A O2    1 
ATOM   140 N  N3    . DT  A 1 8  ? 3.887   -0.366  -3.202  1.00 48.24  ? 8   DT  A N3    1 
ATOM   141 C  C4    . DT  A 1 8  ? 4.896   -0.105  -2.296  1.00 48.10  ? 8   DT  A C4    1 
ATOM   142 O  O4    . DT  A 1 8  ? 5.022   1.020   -1.834  1.00 49.70  ? 8   DT  A O4    1 
ATOM   143 C  C5    . DT  A 1 8  ? 5.758   -1.224  -1.989  1.00 46.35  ? 8   DT  A C5    1 
ATOM   144 C  C7    . DT  A 1 8  ? 6.913   -1.022  -1.057  1.00 49.97  ? 8   DT  A C7    1 
ATOM   145 C  C6    . DT  A 1 8  ? 5.501   -2.395  -2.584  1.00 46.90  ? 8   DT  A C6    1 
HETATM 146 N  N     . 1W5 A 1 9  ? 7.742   -1.587  -5.122  1.00 69.05  ? 9   1W5 A N     1 
HETATM 147 P  P     . 1W5 A 1 9  ? 4.357   -6.995  -7.007  1.00 81.87  ? 9   1W5 A P     1 
HETATM 148 C  C1    . 1W5 A 1 9  ? 4.836   -0.815  -7.332  1.00 65.73  ? 9   1W5 A C1    1 
HETATM 149 C  C2    . 1W5 A 1 9  ? 4.678   0.604   -6.983  1.00 59.21  ? 9   1W5 A C2    1 
HETATM 150 O  O2    . 1W5 A 1 9  ? 3.691   1.327   -7.573  1.00 73.26  ? 9   1W5 A O2    1 
HETATM 151 N  N3    . 1W5 A 1 9  ? 5.452   1.227   -6.110  1.00 58.31  ? 9   1W5 A N3    1 
HETATM 152 C  C4    . 1W5 A 1 9  ? 6.416   0.533   -5.484  1.00 57.70  ? 9   1W5 A C4    1 
HETATM 153 N  N4    . 1W5 A 1 9  ? 7.156   1.203   -4.617  1.00 56.42  ? 9   1W5 A N4    1 
HETATM 154 C  C5    . 1W5 A 1 9  ? 6.658   -0.837  -5.778  1.00 59.99  ? 9   1W5 A C5    1 
HETATM 155 C  C6    . 1W5 A 1 9  ? 5.864   -1.493  -6.706  1.00 64.60  ? 9   1W5 A C6    1 
HETATM 156 C  "C1'" . 1W5 A 1 9  ? 3.981   -1.460  -8.389  1.00 78.04  ? 9   1W5 A "C1'" 1 
HETATM 157 C  "C2'" . 1W5 A 1 9  ? 4.768   -2.290  -9.416  1.00 79.46  ? 9   1W5 A "C2'" 1 
HETATM 158 C  "C3'" . 1W5 A 1 9  ? 3.840   -3.436  -9.779  1.00 79.78  ? 9   1W5 A "C3'" 1 
HETATM 159 O  "O3'" . 1W5 A 1 9  ? 2.923   -3.072  -10.808 1.00 78.27  ? 9   1W5 A "O3'" 1 
HETATM 160 C  "C4'" . 1W5 A 1 9  ? 3.131   -3.653  -8.458  1.00 80.72  ? 9   1W5 A "C4'" 1 
HETATM 161 O  "O4'" . 1W5 A 1 9  ? 3.048   -2.373  -7.801  1.00 76.60  ? 9   1W5 A "O4'" 1 
HETATM 162 C  "C5'" . 1W5 A 1 9  ? 3.899   -4.582  -7.569  1.00 80.09  ? 9   1W5 A "C5'" 1 
HETATM 163 O  "O5'" . 1W5 A 1 9  ? 3.602   -5.928  -7.916  1.00 70.00  ? 9   1W5 A "O5'" 1 
HETATM 164 O  ON1   . 1W5 A 1 9  ? 7.767   -2.803  -5.268  1.00 74.08  ? 9   1W5 A ON1   1 
HETATM 165 O  ON2   . 1W5 A 1 9  ? 8.557   -0.951  -4.454  1.00 57.34  ? 9   1W5 A ON2   1 
HETATM 166 O  OP1   . 1W5 A 1 9  ? 4.025   -8.007  -7.215  1.00 68.73  ? 9   1W5 A OP1   1 
HETATM 167 O  OP2   . 1W5 A 1 9  ? 5.807   -6.691  -7.077  1.00 72.14  ? 9   1W5 A OP2   1 
ATOM   168 P  P     . DG  A 1 10 ? 3.315   -3.238  -12.356 1.00 87.09  ? 10  DG  A P     1 
ATOM   169 O  OP1   . DG  A 1 10 ? 2.096   -3.682  -13.084 1.00 83.59  ? 10  DG  A OP1   1 
ATOM   170 O  OP2   . DG  A 1 10 ? 4.579   -4.028  -12.472 1.00 79.37  ? 10  DG  A OP2   1 
ATOM   171 O  "O5'" . DG  A 1 10 ? 3.603   -1.734  -12.795 1.00 83.40  ? 10  DG  A "O5'" 1 
ATOM   172 C  "C5'" . DG  A 1 10 ? 2.574   -0.743  -12.635 1.00 71.56  ? 10  DG  A "C5'" 1 
ATOM   173 C  "C4'" . DG  A 1 10 ? 3.118   0.652   -12.822 1.00 67.01  ? 10  DG  A "C4'" 1 
ATOM   174 O  "O4'" . DG  A 1 10 ? 3.814   1.107   -11.639 1.00 76.60  ? 10  DG  A "O4'" 1 
ATOM   175 C  "C3'" . DG  A 1 10 ? 4.103   0.829   -13.975 1.00 68.05  ? 10  DG  A "C3'" 1 
ATOM   176 O  "O3'" . DG  A 1 10 ? 3.849   2.121   -14.510 1.00 63.67  ? 10  DG  A "O3'" 1 
ATOM   177 C  "C2'" . DG  A 1 10 ? 5.450   0.859   -13.284 1.00 62.78  ? 10  DG  A "C2'" 1 
ATOM   178 C  "C1'" . DG  A 1 10 ? 5.085   1.606   -12.017 1.00 60.86  ? 10  DG  A "C1'" 1 
ATOM   179 N  N9    . DG  A 1 10 ? 5.997   1.421   -10.896 1.00 57.31  ? 10  DG  A N9    1 
ATOM   180 C  C8    . DG  A 1 10 ? 6.693   0.285   -10.554 1.00 57.09  ? 10  DG  A C8    1 
ATOM   181 N  N7    . DG  A 1 10 ? 7.447   0.444   -9.500  1.00 59.34  ? 10  DG  A N7    1 
ATOM   182 C  C5    . DG  A 1 10 ? 7.230   1.762   -9.119  1.00 57.61  ? 10  DG  A C5    1 
ATOM   183 C  C6    . DG  A 1 10 ? 7.789   2.512   -8.059  1.00 55.37  ? 10  DG  A C6    1 
ATOM   184 O  O6    . DG  A 1 10 ? 8.610   2.150   -7.213  1.00 65.18  ? 10  DG  A O6    1 
ATOM   185 N  N1    . DG  A 1 10 ? 7.317   3.823   -8.052  1.00 62.40  ? 10  DG  A N1    1 
ATOM   186 C  C2    . DG  A 1 10 ? 6.417   4.343   -8.954  1.00 56.41  ? 10  DG  A C2    1 
ATOM   187 N  N2    . DG  A 1 10 ? 6.073   5.632   -8.781  1.00 56.53  ? 10  DG  A N2    1 
ATOM   188 N  N3    . DG  A 1 10 ? 5.889   3.651   -9.948  1.00 56.48  ? 10  DG  A N3    1 
ATOM   189 C  C4    . DG  A 1 10 ? 6.347   2.382   -9.980  1.00 60.52  ? 10  DG  A C4    1 
ATOM   190 P  P     . DC  A 1 11 ? 3.990   2.371   -16.034 1.00 58.53  ? 11  DC  A P     1 
ATOM   191 O  OP1   . DC  A 1 11 ? 2.759   1.980   -16.690 1.00 55.20  ? 11  DC  A OP1   1 
ATOM   192 O  OP2   . DC  A 1 11 ? 5.279   1.799   -16.494 1.00 67.22  ? 11  DC  A OP2   1 
ATOM   193 O  "O5'" . DC  A 1 11 ? 4.018   3.957   -16.070 1.00 52.15  ? 11  DC  A "O5'" 1 
ATOM   194 C  "C5'" . DC  A 1 11 ? 3.019   4.736   -15.406 1.00 47.72  ? 11  DC  A "C5'" 1 
ATOM   195 C  "C4'" . DC  A 1 11 ? 3.671   6.028   -14.986 1.00 48.88  ? 11  DC  A "C4'" 1 
ATOM   196 O  "O4'" . DC  A 1 11 ? 4.522   5.735   -13.854 1.00 49.56  ? 11  DC  A "O4'" 1 
ATOM   197 C  "C3'" . DC  A 1 11 ? 4.577   6.642   -16.058 1.00 44.74  ? 11  DC  A "C3'" 1 
ATOM   198 O  "O3'" . DC  A 1 11 ? 4.512   8.054   -15.996 1.00 43.76  ? 11  DC  A "O3'" 1 
ATOM   199 C  "C2'" . DC  A 1 11 ? 5.971   6.228   -15.627 1.00 50.89  ? 11  DC  A "C2'" 1 
ATOM   200 C  "C1'" . DC  A 1 11 ? 5.835   6.198   -14.114 1.00 51.31  ? 11  DC  A "C1'" 1 
ATOM   201 N  N1    . DC  A 1 11 ? 6.795   5.338   -13.381 1.00 48.30  ? 11  DC  A N1    1 
ATOM   202 C  C2    . DC  A 1 11 ? 7.377   5.837   -12.211 1.00 47.56  ? 11  DC  A C2    1 
ATOM   203 O  O2    . DC  A 1 11 ? 7.045   6.965   -11.813 1.00 48.36  ? 11  DC  A O2    1 
ATOM   204 N  N3    . DC  A 1 11 ? 8.294   5.085   -11.554 1.00 47.12  ? 11  DC  A N3    1 
ATOM   205 C  C4    . DC  A 1 11 ? 8.622   3.876   -12.020 1.00 48.82  ? 11  DC  A C4    1 
ATOM   206 N  N4    . DC  A 1 11 ? 9.526   3.164   -11.343 1.00 48.88  ? 11  DC  A N4    1 
ATOM   207 C  C5    . DC  A 1 11 ? 8.039   3.344   -13.202 1.00 46.43  ? 11  DC  A C5    1 
ATOM   208 C  C6    . DC  A 1 11 ? 7.137   4.101   -13.844 1.00 49.32  ? 11  DC  A C6    1 
ATOM   209 P  P     . DG  A 1 12 ? 4.623   8.943   -17.292 1.00 47.35  ? 12  DG  A P     1 
ATOM   210 O  OP1   . DG  A 1 12 ? 4.149   10.294  -16.946 1.00 38.06  ? 12  DG  A OP1   1 
ATOM   211 O  OP2   . DG  A 1 12 ? 4.057   8.197   -18.440 1.00 43.81  ? 12  DG  A OP2   1 
ATOM   212 O  "O5'" . DG  A 1 12 ? 6.194   9.023   -17.548 1.00 46.07  ? 12  DG  A "O5'" 1 
ATOM   213 C  "C5'" . DG  A 1 12 ? 7.111   9.760   -16.709 1.00 45.13  ? 12  DG  A "C5'" 1 
ATOM   214 C  "C4'" . DG  A 1 12 ? 8.507   9.611   -17.284 1.00 45.14  ? 12  DG  A "C4'" 1 
ATOM   215 O  "O4'" . DG  A 1 12 ? 8.862   8.201   -17.396 1.00 45.68  ? 12  DG  A "O4'" 1 
ATOM   216 C  "C3'" . DG  A 1 12 ? 8.607   10.181  -18.698 1.00 43.25  ? 12  DG  A "C3'" 1 
ATOM   217 O  "O3'" . DG  A 1 12 ? 8.991   11.564  -18.709 1.00 44.32  ? 12  DG  A "O3'" 1 
ATOM   218 C  "C2'" . DG  A 1 12 ? 9.517   9.203   -19.412 1.00 43.96  ? 12  DG  A "C2'" 1 
ATOM   219 C  "C1'" . DG  A 1 12 ? 9.181   7.863   -18.754 1.00 44.11  ? 12  DG  A "C1'" 1 
ATOM   220 N  N9    . DG  A 1 12 ? 8.041   7.124   -19.309 1.00 41.01  ? 12  DG  A N9    1 
ATOM   221 C  C8    . DG  A 1 12 ? 7.098   7.588   -20.200 1.00 39.59  ? 12  DG  A C8    1 
ATOM   222 N  N7    . DG  A 1 12 ? 6.117   6.747   -20.391 1.00 37.70  ? 12  DG  A N7    1 
ATOM   223 C  C5    . DG  A 1 12 ? 6.427   5.668   -19.572 1.00 34.76  ? 12  DG  A C5    1 
ATOM   224 C  C6    . DG  A 1 12 ? 5.742   4.442   -19.368 1.00 45.80  ? 12  DG  A C6    1 
ATOM   225 O  O6    . DG  A 1 12 ? 4.692   4.051   -19.889 1.00 49.53  ? 12  DG  A O6    1 
ATOM   226 N  N1    . DG  A 1 12 ? 6.400   3.632   -18.448 1.00 47.81  ? 12  DG  A N1    1 
ATOM   227 C  C2    . DG  A 1 12 ? 7.573   3.956   -17.812 1.00 41.98  ? 12  DG  A C2    1 
ATOM   228 N  N2    . DG  A 1 12 ? 8.046   3.046   -16.942 1.00 47.01  ? 12  DG  A N2    1 
ATOM   229 N  N3    . DG  A 1 12 ? 8.204   5.107   -17.971 1.00 40.28  ? 12  DG  A N3    1 
ATOM   230 C  C4    . DG  A 1 12 ? 7.600   5.892   -18.886 1.00 34.47  ? 12  DG  A C4    1 
ATOM   231 P  P     . DG  B 1 2  ? 16.690  7.236   -4.429  1.00 92.66  ? 14  DG  B P     1 
ATOM   232 O  OP1   . DG  B 1 2  ? 16.017  5.914   -4.606  1.00 82.93  ? 14  DG  B OP1   1 
ATOM   233 O  OP2   . DG  B 1 2  ? 17.715  7.669   -5.416  1.00 89.65  ? 14  DG  B OP2   1 
ATOM   234 O  "O5'" . DG  B 1 2  ? 15.612  8.408   -4.390  1.00 92.59  ? 14  DG  B "O5'" 1 
ATOM   235 C  "C5'" . DG  B 1 2  ? 15.478  9.316   -5.503  1.00 87.25  ? 14  DG  B "C5'" 1 
ATOM   236 C  "C4'" . DG  B 1 2  ? 14.216  10.144  -5.405  1.00 82.18  ? 14  DG  B "C4'" 1 
ATOM   237 O  "O4'" . DG  B 1 2  ? 13.239  9.699   -6.374  1.00 80.87  ? 14  DG  B "O4'" 1 
ATOM   238 C  "C3'" . DG  B 1 2  ? 13.480  10.118  -4.073  1.00 81.05  ? 14  DG  B "C3'" 1 
ATOM   239 O  "O3'" . DG  B 1 2  ? 12.816  11.380  -3.972  1.00 92.79  ? 14  DG  B "O3'" 1 
ATOM   240 C  "C2'" . DG  B 1 2  ? 12.507  8.964   -4.246  1.00 83.61  ? 14  DG  B "C2'" 1 
ATOM   241 C  "C1'" . DG  B 1 2  ? 12.175  8.994   -5.740  1.00 76.21  ? 14  DG  B "C1'" 1 
ATOM   242 N  N9    . DG  B 1 2  ? 12.072  7.687   -6.388  1.00 72.42  ? 14  DG  B N9    1 
ATOM   243 C  C8    . DG  B 1 2  ? 12.939  6.632   -6.225  1.00 76.86  ? 14  DG  B C8    1 
ATOM   244 N  N7    . DG  B 1 2  ? 12.638  5.603   -6.969  1.00 70.93  ? 14  DG  B N7    1 
ATOM   245 C  C5    . DG  B 1 2  ? 11.509  6.003   -7.670  1.00 63.81  ? 14  DG  B C5    1 
ATOM   246 C  C6    . DG  B 1 2  ? 10.739  5.309   -8.641  1.00 58.98  ? 14  DG  B C6    1 
ATOM   247 O  O6    . DG  B 1 2  ? 10.894  4.163   -9.073  1.00 55.57  ? 14  DG  B O6    1 
ATOM   248 N  N1    . DG  B 1 2  ? 9.694   6.090   -9.120  1.00 63.08  ? 14  DG  B N1    1 
ATOM   249 C  C2    . DG  B 1 2  ? 9.425   7.375   -8.726  1.00 66.94  ? 14  DG  B C2    1 
ATOM   250 N  N2    . DG  B 1 2  ? 8.366   7.957   -9.313  1.00 60.55  ? 14  DG  B N2    1 
ATOM   251 N  N3    . DG  B 1 2  ? 10.133  8.036   -7.818  1.00 72.41  ? 14  DG  B N3    1 
ATOM   252 C  C4    . DG  B 1 2  ? 11.157  7.294   -7.339  1.00 69.04  ? 14  DG  B C4    1 
ATOM   253 P  P     . DC  B 1 3  ? 11.991  11.772  -2.662  1.00 106.19 ? 15  DC  B P     1 
ATOM   254 O  OP1   . DC  B 1 3  ? 12.018  13.259  -2.536  1.00 102.30 ? 15  DC  B OP1   1 
ATOM   255 O  OP2   . DC  B 1 3  ? 12.437  10.895  -1.541  1.00 99.03  ? 15  DC  B OP2   1 
ATOM   256 O  "O5'" . DC  B 1 3  ? 10.502  11.391  -3.052  1.00 83.69  ? 15  DC  B "O5'" 1 
ATOM   257 C  "C5'" . DC  B 1 3  ? 9.869   12.132  -4.093  1.00 84.23  ? 15  DC  B "C5'" 1 
ATOM   258 C  "C4'" . DC  B 1 3  ? 8.600   11.427  -4.495  1.00 78.32  ? 15  DC  B "C4'" 1 
ATOM   259 O  "O4'" . DC  B 1 3  ? 8.897   10.117  -4.987  1.00 75.53  ? 15  DC  B "O4'" 1 
ATOM   260 C  "C3'" . DC  B 1 3  ? 7.626   11.213  -3.346  1.00 69.74  ? 15  DC  B "C3'" 1 
ATOM   261 O  "O3'" . DC  B 1 3  ? 6.604   12.168  -3.572  1.00 76.68  ? 15  DC  B "O3'" 1 
ATOM   262 C  "C2'" . DC  B 1 3  ? 7.150   9.777   -3.498  1.00 63.81  ? 15  DC  B "C2'" 1 
ATOM   263 C  "C1'" . DC  B 1 3  ? 7.745   9.328   -4.817  1.00 66.30  ? 15  DC  B "C1'" 1 
ATOM   264 N  N1    . DC  B 1 3  ? 8.185   7.936   -4.886  1.00 61.70  ? 15  DC  B N1    1 
ATOM   265 C  C2    . DC  B 1 3  ? 7.639   7.079   -5.851  1.00 66.66  ? 15  DC  B C2    1 
ATOM   266 O  O2    . DC  B 1 3  ? 6.690   7.478   -6.546  1.00 62.86  ? 15  DC  B O2    1 
ATOM   267 N  N3    . DC  B 1 3  ? 8.113   5.816   -5.956  1.00 68.00  ? 15  DC  B N3    1 
ATOM   268 C  C4    . DC  B 1 3  ? 9.106   5.408   -5.160  1.00 69.35  ? 15  DC  B C4    1 
ATOM   269 N  N4    . DC  B 1 3  ? 9.542   4.153   -5.298  1.00 74.48  ? 15  DC  B N4    1 
ATOM   270 C  C5    . DC  B 1 3  ? 9.713   6.277   -4.208  1.00 68.70  ? 15  DC  B C5    1 
ATOM   271 C  C6    . DC  B 1 3  ? 9.231   7.523   -4.110  1.00 67.64  ? 15  DC  B C6    1 
HETATM 272 P  P     . 1WA B 1 4  ? 5.485   12.377  -2.497  1.00 83.25  ? 16  1WA B P     1 
HETATM 273 N  N1    . 1WA B 1 4  ? 5.165   4.048   -5.652  1.00 66.45  ? 16  1WA B N1    1 
HETATM 274 C  C2    . 1WA B 1 4  ? 4.064   4.580   -6.182  1.00 65.30  ? 16  1WA B C2    1 
HETATM 275 N  N2    . 1WA B 1 4  ? 3.398   3.934   -7.115  1.00 62.02  ? 16  1WA B N2    1 
HETATM 276 N  N3    . 1WA B 1 4  ? 3.597   5.783   -5.785  1.00 67.82  ? 16  1WA B N3    1 
HETATM 277 C  C4    . 1WA B 1 4  ? 4.176   6.376   -4.739  1.00 71.40  ? 16  1WA B C4    1 
HETATM 278 N  N5    . 1WA B 1 4  ? 5.170   5.759   -4.097  1.00 70.91  ? 16  1WA B N5    1 
HETATM 279 C  C6    . 1WA B 1 4  ? 5.611   4.506   -4.488  1.00 66.40  ? 16  1WA B C6    1 
HETATM 280 O  O6    . 1WA B 1 4  ? 6.480   3.814   -3.704  1.00 75.16  ? 16  1WA B O6    1 
HETATM 281 C  C7    . 1WA B 1 4  ? 5.603   6.574   -3.126  1.00 74.29  ? 16  1WA B C7    1 
HETATM 282 C  C8    . 1WA B 1 4  ? 4.741   7.602   -3.069  1.00 78.58  ? 16  1WA B C8    1 
HETATM 283 N  N9    . 1WA B 1 4  ? 3.972   7.570   -4.163  1.00 75.69  ? 16  1WA B N9    1 
HETATM 284 C  "C1'" . 1WA B 1 4  ? 3.076   8.638   -4.608  1.00 77.49  ? 16  1WA B "C1'" 1 
HETATM 285 C  "C2'" . 1WA B 1 4  ? 2.189   9.249   -3.523  1.00 80.34  ? 16  1WA B "C2'" 1 
HETATM 286 C  "C3'" . 1WA B 1 4  ? 1.704   10.475  -4.310  1.00 73.45  ? 16  1WA B "C3'" 1 
HETATM 287 O  "O3'" . 1WA B 1 4  ? 0.755   10.027  -5.271  1.00 79.34  ? 16  1WA B "O3'" 1 
HETATM 288 C  "C4'" . 1WA B 1 4  ? 2.969   10.911  -5.052  1.00 70.62  ? 16  1WA B "C4'" 1 
HETATM 289 O  "O4'" . 1WA B 1 4  ? 3.849   9.765   -5.030  1.00 68.27  ? 16  1WA B "O4'" 1 
HETATM 290 C  "C5'" . 1WA B 1 4  ? 3.664   12.075  -4.396  1.00 70.52  ? 16  1WA B "C5'" 1 
HETATM 291 O  "O5'" . 1WA B 1 4  ? 4.225   11.642  -3.157  1.00 65.44  ? 16  1WA B "O5'" 1 
HETATM 292 O  OP1   . 1WA B 1 4  ? 5.377   13.440  -2.345  1.00 82.74  ? 16  1WA B OP1   1 
HETATM 293 O  OP2   . 1WA B 1 4  ? 5.873   11.616  -1.287  1.00 69.59  ? 16  1WA B OP2   1 
ATOM   294 P  P     . DA  B 1 5  ? -0.774  10.008  -4.919  1.00 74.64  ? 17  DA  B P     1 
ATOM   295 O  OP1   . DA  B 1 5  ? -1.397  11.171  -5.596  1.00 87.86  ? 17  DA  B OP1   1 
ATOM   296 O  OP2   . DA  B 1 5  ? -0.901  9.841   -3.451  1.00 87.38  ? 17  DA  B OP2   1 
ATOM   297 O  "O5'" . DA  B 1 5  ? -1.288  8.695   -5.640  1.00 67.27  ? 17  DA  B "O5'" 1 
ATOM   298 C  "C5'" . DA  B 1 5  ? -1.082  8.531   -7.044  1.00 80.62  ? 17  DA  B "C5'" 1 
ATOM   299 C  "C4'" . DA  B 1 5  ? -1.422  7.117   -7.445  1.00 84.68  ? 17  DA  B "C4'" 1 
ATOM   300 O  "O4'" . DA  B 1 5  ? -0.432  6.205   -6.912  1.00 85.16  ? 17  DA  B "O4'" 1 
ATOM   301 C  "C3'" . DA  B 1 5  ? -2.765  6.612   -6.927  1.00 85.40  ? 17  DA  B "C3'" 1 
ATOM   302 O  "O3'" . DA  B 1 5  ? -3.286  5.770   -7.967  1.00 76.78  ? 17  DA  B "O3'" 1 
ATOM   303 C  "C2'" . DA  B 1 5  ? -2.385  5.930   -5.618  1.00 86.94  ? 17  DA  B "C2'" 1 
ATOM   304 C  "C1'" . DA  B 1 5  ? -1.042  5.308   -5.980  1.00 86.42  ? 17  DA  B "C1'" 1 
ATOM   305 N  N9    . DA  B 1 5  ? -0.074  5.078   -4.906  1.00 78.12  ? 17  DA  B N9    1 
ATOM   306 C  C8    . DA  B 1 5  ? 0.394   5.973   -3.974  1.00 76.24  ? 17  DA  B C8    1 
ATOM   307 N  N7    . DA  B 1 5  ? 1.353   5.494   -3.216  1.00 69.70  ? 17  DA  B N7    1 
ATOM   308 C  C5    . DA  B 1 5  ? 1.556   4.211   -3.707  1.00 67.23  ? 17  DA  B C5    1 
ATOM   309 C  C6    . DA  B 1 5  ? 2.449   3.182   -3.339  1.00 57.41  ? 17  DA  B C6    1 
ATOM   310 N  N6    . DA  B 1 5  ? 3.326   3.286   -2.337  1.00 54.05  ? 17  DA  B N6    1 
ATOM   311 N  N1    . DA  B 1 5  ? 2.406   2.031   -4.047  1.00 53.48  ? 17  DA  B N1    1 
ATOM   312 C  C2    . DA  B 1 5  ? 1.517   1.921   -5.044  1.00 56.65  ? 17  DA  B C2    1 
ATOM   313 N  N3    . DA  B 1 5  ? 0.643   2.823   -5.497  1.00 66.25  ? 17  DA  B N3    1 
ATOM   314 C  C4    . DA  B 1 5  ? 0.701   3.951   -4.765  1.00 70.12  ? 17  DA  B C4    1 
ATOM   315 P  P     . DA  B 1 6  ? -4.535  4.846   -7.687  1.00 88.61  ? 18  DA  B P     1 
ATOM   316 O  OP1   . DA  B 1 6  ? -5.247  4.586   -8.974  1.00 69.94  ? 18  DA  B OP1   1 
ATOM   317 O  OP2   . DA  B 1 6  ? -5.253  5.415   -6.517  1.00 81.79  ? 18  DA  B OP2   1 
ATOM   318 O  "O5'" . DA  B 1 6  ? -3.858  3.474   -7.261  1.00 85.91  ? 18  DA  B "O5'" 1 
ATOM   319 C  "C5'" . DA  B 1 6  ? -3.095  2.726   -8.224  1.00 95.01  ? 18  DA  B "C5'" 1 
ATOM   320 C  "C4'" . DA  B 1 6  ? -3.041  1.264   -7.848  1.00 95.32  ? 18  DA  B "C4'" 1 
ATOM   321 O  "O4'" . DA  B 1 6  ? -2.143  1.099   -6.729  1.00 93.72  ? 18  DA  B "O4'" 1 
ATOM   322 C  "C3'" . DA  B 1 6  ? -4.362  0.627   -7.408  1.00 88.59  ? 18  DA  B "C3'" 1 
ATOM   323 O  "O3'" . DA  B 1 6  ? -4.330  -0.746  -7.842  1.00 82.41  ? 18  DA  B "O3'" 1 
ATOM   324 C  "C2'" . DA  B 1 6  ? -4.333  0.822   -5.899  1.00 85.85  ? 18  DA  B "C2'" 1 
ATOM   325 C  "C1'" . DA  B 1 6  ? -2.862  0.594   -5.607  1.00 84.56  ? 18  DA  B "C1'" 1 
ATOM   326 N  N9    . DA  B 1 6  ? -2.320  1.247   -4.424  1.00 69.22  ? 18  DA  B N9    1 
ATOM   327 C  C8    . DA  B 1 6  ? -2.545  2.513   -3.944  1.00 62.75  ? 18  DA  B C8    1 
ATOM   328 N  N7    . DA  B 1 6  ? -1.807  2.821   -2.906  1.00 64.85  ? 18  DA  B N7    1 
ATOM   329 C  C5    . DA  B 1 6  ? -1.025  1.691   -2.708  1.00 56.64  ? 18  DA  B C5    1 
ATOM   330 C  C6    . DA  B 1 6  ? -0.050  1.374   -1.751  1.00 54.80  ? 18  DA  B C6    1 
ATOM   331 N  N6    . DA  B 1 6  ? 0.336   2.208   -0.786  1.00 46.81  ? 18  DA  B N6    1 
ATOM   332 N  N1    . DA  B 1 6  ? 0.546   0.164   -1.838  1.00 58.38  ? 18  DA  B N1    1 
ATOM   333 C  C2    . DA  B 1 6  ? 0.173   -0.666  -2.819  1.00 54.20  ? 18  DA  B C2    1 
ATOM   334 N  N3    . DA  B 1 6  ? -0.754  -0.494  -3.757  1.00 62.46  ? 18  DA  B N3    1 
ATOM   335 C  C4    . DA  B 1 6  ? -1.320  0.721   -3.645  1.00 60.23  ? 18  DA  B C4    1 
ATOM   336 P  P     . DT  B 1 7  ? -5.425  -1.803  -7.330  1.00 87.41  ? 19  DT  B P     1 
ATOM   337 O  OP1   . DT  B 1 7  ? -5.687  -2.777  -8.425  1.00 85.60  ? 19  DT  B OP1   1 
ATOM   338 O  OP2   . DT  B 1 7  ? -6.562  -1.036  -6.741  1.00 81.10  ? 19  DT  B OP2   1 
ATOM   339 O  "O5'" . DT  B 1 7  ? -4.610  -2.658  -6.259  1.00 77.94  ? 19  DT  B "O5'" 1 
ATOM   340 C  "C5'" . DT  B 1 7  ? -3.455  -3.395  -6.693  1.00 76.56  ? 19  DT  B "C5'" 1 
ATOM   341 C  "C4'" . DT  B 1 7  ? -2.899  -4.204  -5.549  1.00 78.13  ? 19  DT  B "C4'" 1 
ATOM   342 O  "O4'" . DT  B 1 7  ? -2.502  -3.306  -4.489  1.00 72.36  ? 19  DT  B "O4'" 1 
ATOM   343 C  "C3'" . DT  B 1 7  ? -3.891  -5.195  -4.932  1.00 73.88  ? 19  DT  B "C3'" 1 
ATOM   344 O  "O3'" . DT  B 1 7  ? -3.226  -6.454  -4.791  1.00 72.57  ? 19  DT  B "O3'" 1 
ATOM   345 C  "C2'" . DT  B 1 7  ? -4.288  -4.530  -3.626  1.00 71.35  ? 19  DT  B "C2'" 1 
ATOM   346 C  "C1'" . DT  B 1 7  ? -3.027  -3.769  -3.261  1.00 69.26  ? 19  DT  B "C1'" 1 
ATOM   347 N  N1    . DT  B 1 7  ? -3.186  -2.592  -2.384  1.00 66.65  ? 19  DT  B N1    1 
ATOM   348 C  C2    . DT  B 1 7  ? -2.244  -2.372  -1.401  1.00 55.69  ? 19  DT  B C2    1 
ATOM   349 O  O2    . DT  B 1 7  ? -1.318  -3.131  -1.180  1.00 62.63  ? 19  DT  B O2    1 
ATOM   350 N  N3    . DT  B 1 7  ? -2.433  -1.224  -0.676  1.00 63.96  ? 19  DT  B N3    1 
ATOM   351 C  C4    . DT  B 1 7  ? -3.449  -0.299  -0.826  1.00 59.62  ? 19  DT  B C4    1 
ATOM   352 O  O4    . DT  B 1 7  ? -3.493  0.683   -0.092  1.00 56.00  ? 19  DT  B O4    1 
ATOM   353 C  C5    . DT  B 1 7  ? -4.392  -0.582  -1.885  1.00 66.26  ? 19  DT  B C5    1 
ATOM   354 C  C7    . DT  B 1 7  ? -5.527  0.366   -2.123  1.00 66.76  ? 19  DT  B C7    1 
ATOM   355 C  C6    . DT  B 1 7  ? -4.209  -1.695  -2.609  1.00 61.96  ? 19  DT  B C6    1 
ATOM   356 P  P     . DT  B 1 8  ? -3.974  -7.705  -4.128  1.00 81.88  ? 20  DT  B P     1 
ATOM   357 O  OP1   . DT  B 1 8  ? -3.523  -8.934  -4.811  1.00 72.28  ? 20  DT  B OP1   1 
ATOM   358 O  OP2   . DT  B 1 8  ? -5.416  -7.374  -4.037  1.00 74.01  ? 20  DT  B OP2   1 
ATOM   359 O  "O5'" . DT  B 1 8  ? -3.233  -7.848  -2.729  1.00 69.25  ? 20  DT  B "O5'" 1 
ATOM   360 C  "C5'" . DT  B 1 8  ? -1.797  -7.852  -2.727  1.00 71.01  ? 20  DT  B "C5'" 1 
ATOM   361 C  "C4'" . DT  B 1 8  ? -1.289  -7.740  -1.311  1.00 74.01  ? 20  DT  B "C4'" 1 
ATOM   362 O  "O4'" . DT  B 1 8  ? -1.654  -6.453  -0.769  1.00 79.19  ? 20  DT  B "O4'" 1 
ATOM   363 C  "C3'" . DT  B 1 8  ? -1.855  -8.782  -0.344  1.00 70.50  ? 20  DT  B "C3'" 1 
ATOM   364 O  "O3'" . DT  B 1 8  ? -0.737  -9.301  0.386   1.00 69.20  ? 20  DT  B "O3'" 1 
ATOM   365 C  "C2'" . DT  B 1 8  ? -2.867  -7.996  0.482   1.00 69.50  ? 20  DT  B "C2'" 1 
ATOM   366 C  "C1'" . DT  B 1 8  ? -2.199  -6.634  0.530   1.00 73.17  ? 20  DT  B "C1'" 1 
ATOM   367 N  N1    . DT  B 1 8  ? -3.018  -5.430  0.847   1.00 62.43  ? 20  DT  B N1    1 
ATOM   368 C  C2    . DT  B 1 8  ? -2.535  -4.541  1.782   1.00 60.61  ? 20  DT  B C2    1 
ATOM   369 O  O2    . DT  B 1 8  ? -1.512  -4.732  2.418   1.00 69.89  ? 20  DT  B O2    1 
ATOM   370 N  N3    . DT  B 1 8  ? -3.303  -3.414  1.951   1.00 59.28  ? 20  DT  B N3    1 
ATOM   371 C  C4    . DT  B 1 8  ? -4.486  -3.106  1.308   1.00 52.86  ? 20  DT  B C4    1 
ATOM   372 O  O4    . DT  B 1 8  ? -5.074  -2.065  1.577   1.00 58.87  ? 20  DT  B O4    1 
ATOM   373 C  C5    . DT  B 1 8  ? -4.917  -4.067  0.317   1.00 54.53  ? 20  DT  B C5    1 
ATOM   374 C  C7    . DT  B 1 8  ? -6.185  -3.813  -0.439  1.00 54.61  ? 20  DT  B C7    1 
ATOM   375 C  C6    . DT  B 1 8  ? -4.170  -5.163  0.137   1.00 57.16  ? 20  DT  B C6    1 
HETATM 376 N  N     . 1W5 B 1 9  ? -6.134  -6.633  2.473   1.00 65.90  ? 21  1W5 B N     1 
HETATM 377 P  P     . 1W5 B 1 9  ? -0.907  -10.585 1.361   1.00 88.83  ? 21  1W5 B P     1 
HETATM 378 C  C1    . 1W5 B 1 9  ? -3.359  -6.485  4.938   1.00 61.27  ? 21  1W5 B C1    1 
HETATM 379 C  C2    . 1W5 B 1 9  ? -3.670  -5.195  5.552   1.00 50.77  ? 21  1W5 B C2    1 
HETATM 380 O  O2    . 1W5 B 1 9  ? -2.880  -4.735  6.512   1.00 58.36  ? 21  1W5 B O2    1 
HETATM 381 N  N3    . 1W5 B 1 9  ? -4.683  -4.437  5.184   1.00 48.39  ? 21  1W5 B N3    1 
HETATM 382 C  C4    . 1W5 B 1 9  ? -5.506  -4.881  4.224   1.00 55.34  ? 21  1W5 B C4    1 
HETATM 383 N  N4    . 1W5 B 1 9  ? -6.531  -4.094  3.941   1.00 52.60  ? 21  1W5 B N4    1 
HETATM 384 C  C5    . 1W5 B 1 9  ? -5.271  -6.123  3.555   1.00 60.80  ? 21  1W5 B C5    1 
HETATM 385 C  C6    . 1W5 B 1 9  ? -4.186  -6.904  3.921   1.00 60.33  ? 21  1W5 B C6    1 
HETATM 386 C  "C1'" . 1W5 B 1 9  ? -2.144  -7.276  5.313   1.00 69.53  ? 21  1W5 B "C1'" 1 
HETATM 387 C  "C2'" . 1W5 B 1 9  ? -2.349  -8.755  5.613   1.00 70.14  ? 21  1W5 B "C2'" 1 
HETATM 388 C  "C3'" . 1W5 B 1 9  ? -0.929  -9.294  5.440   1.00 68.77  ? 21  1W5 B "C3'" 1 
HETATM 389 O  "O3'" . 1W5 B 1 9  ? -0.131  -9.216  6.615   1.00 65.72  ? 21  1W5 B "O3'" 1 
HETATM 390 C  "C4'" . 1W5 B 1 9  ? -0.265  -8.316  4.469   1.00 75.19  ? 21  1W5 B "C4'" 1 
HETATM 391 O  "O4'" . 1W5 B 1 9  ? -1.236  -7.280  4.205   1.00 72.81  ? 21  1W5 B "O4'" 1 
HETATM 392 C  "C5'" . 1W5 B 1 9  ? 0.137   -8.988  3.181   1.00 76.66  ? 21  1W5 B "C5'" 1 
HETATM 393 O  "O5'" . 1W5 B 1 9  ? -0.864  -9.939  2.818   1.00 72.92  ? 21  1W5 B "O5'" 1 
HETATM 394 O  ON1   . 1W5 B 1 9  ? -5.872  -7.740  2.002   1.00 70.56  ? 21  1W5 B ON1   1 
HETATM 395 O  ON2   . 1W5 B 1 9  ? -7.058  -5.921  2.092   1.00 54.79  ? 21  1W5 B ON2   1 
HETATM 396 O  OP1   . 1W5 B 1 9  ? -0.070  -11.258 1.170   1.00 76.69  ? 21  1W5 B OP1   1 
HETATM 397 O  OP2   . 1W5 B 1 9  ? -2.293  -11.130 1.196   1.00 66.85  ? 21  1W5 B OP2   1 
ATOM   398 P  P     . DG  B 1 10 ? -0.279  -10.331 7.725   1.00 70.16  ? 22  DG  B P     1 
ATOM   399 O  OP1   . DG  B 1 10 ? 1.056   -10.536 8.324   1.00 56.19  ? 22  DG  B OP1   1 
ATOM   400 O  OP2   . DG  B 1 10 ? -1.095  -11.443 7.154   1.00 55.93  ? 22  DG  B OP2   1 
ATOM   401 O  "O5'" . DG  B 1 10 ? -1.256  -9.667  8.796   1.00 67.10  ? 22  DG  B "O5'" 1 
ATOM   402 C  "C5'" . DG  B 1 10 ? -0.812  -8.624  9.683   1.00 64.06  ? 22  DG  B "C5'" 1 
ATOM   403 C  "C4'" . DG  B 1 10 ? -2.006  -8.113  10.454  1.00 58.00  ? 22  DG  B "C4'" 1 
ATOM   404 O  "O4'" . DG  B 1 10 ? -2.879  -7.404  9.542   1.00 56.06  ? 22  DG  B "O4'" 1 
ATOM   405 C  "C3'" . DG  B 1 10 ? -2.876  -9.205  11.090  1.00 54.48  ? 22  DG  B "C3'" 1 
ATOM   406 O  "O3'" . DG  B 1 10 ? -3.363  -8.747  12.352  1.00 54.05  ? 22  DG  B "O3'" 1 
ATOM   407 C  "C2'" . DG  B 1 10 ? -4.061  -9.295  10.151  1.00 51.20  ? 22  DG  B "C2'" 1 
ATOM   408 C  "C1'" . DG  B 1 10 ? -4.184  -7.826  9.819   1.00 46.50  ? 22  DG  B "C1'" 1 
ATOM   409 N  N9    . DG  B 1 10 ? -5.060  -7.439  8.728   1.00 45.64  ? 22  DG  B N9    1 
ATOM   410 C  C8    . DG  B 1 10 ? -5.500  -8.218  7.688   1.00 44.57  ? 22  DG  B C8    1 
ATOM   411 N  N7    . DG  B 1 10 ? -6.383  -7.616  6.935   1.00 47.50  ? 22  DG  B N7    1 
ATOM   412 C  C5    . DG  B 1 10 ? -6.548  -6.370  7.525   1.00 41.33  ? 22  DG  B C5    1 
ATOM   413 C  C6    . DG  B 1 10 ? -7.397  -5.282  7.169   1.00 49.72  ? 22  DG  B C6    1 
ATOM   414 O  O6    . DG  B 1 10 ? -8.192  -5.199  6.222   1.00 47.70  ? 22  DG  B O6    1 
ATOM   415 N  N1    . DG  B 1 10 ? -7.262  -4.215  8.052   1.00 45.02  ? 22  DG  B N1    1 
ATOM   416 C  C2    . DG  B 1 10 ? -6.459  -4.210  9.164   1.00 45.00  ? 22  DG  B C2    1 
ATOM   417 N  N2    . DG  B 1 10 ? -6.482  -3.087  9.903   1.00 46.97  ? 22  DG  B N2    1 
ATOM   418 N  N3    . DG  B 1 10 ? -5.655  -5.210  9.500   1.00 44.80  ? 22  DG  B N3    1 
ATOM   419 C  C4    . DG  B 1 10 ? -5.773  -6.262  8.660   1.00 47.52  ? 22  DG  B C4    1 
ATOM   420 P  P     . DC  B 1 11 ? -2.778  -9.341  13.711  1.00 59.91  ? 23  DC  B P     1 
ATOM   421 O  OP1   . DC  B 1 11 ? -1.311  -9.203  13.668  1.00 63.93  ? 23  DC  B OP1   1 
ATOM   422 O  OP2   . DC  B 1 11 ? -3.420  -10.657 13.958  1.00 64.88  ? 23  DC  B OP2   1 
ATOM   423 O  "O5'" . DC  B 1 11 ? -3.327  -8.323  14.800  1.00 56.43  ? 23  DC  B "O5'" 1 
ATOM   424 C  "C5'" . DC  B 1 11 ? -2.791  -6.999  14.862  1.00 53.57  ? 23  DC  B "C5'" 1 
ATOM   425 C  "C4'" . DC  B 1 11 ? -3.914  -6.039  15.160  1.00 50.70  ? 23  DC  B "C4'" 1 
ATOM   426 O  "O4'" . DC  B 1 11 ? -4.718  -5.867  13.967  1.00 46.42  ? 23  DC  B "O4'" 1 
ATOM   427 C  "C3'" . DC  B 1 11 ? -4.865  -6.532  16.247  1.00 44.99  ? 23  DC  B "C3'" 1 
ATOM   428 O  "O3'" . DC  B 1 11 ? -5.184  -5.456  17.103  1.00 46.10  ? 23  DC  B "O3'" 1 
ATOM   429 C  "C2'" . DC  B 1 11 ? -6.132  -6.907  15.498  1.00 51.70  ? 23  DC  B "C2'" 1 
ATOM   430 C  "C1'" . DC  B 1 11 ? -6.102  -5.944  14.321  1.00 46.13  ? 23  DC  B "C1'" 1 
ATOM   431 N  N1    . DC  B 1 11 ? -6.867  -6.386  13.131  1.00 44.12  ? 23  DC  B N1    1 
ATOM   432 C  C2    . DC  B 1 11 ? -7.699  -5.473  12.458  1.00 42.83  ? 23  DC  B C2    1 
ATOM   433 O  O2    . DC  B 1 11 ? -7.781  -4.309  12.878  1.00 43.84  ? 23  DC  B O2    1 
ATOM   434 N  N3    . DC  B 1 11 ? -8.392  -5.888  11.374  1.00 44.22  ? 23  DC  B N3    1 
ATOM   435 C  C4    . DC  B 1 11 ? -8.245  -7.140  10.927  1.00 50.02  ? 23  DC  B C4    1 
ATOM   436 N  N4    . DC  B 1 11 ? -8.961  -7.519  9.864   1.00 48.95  ? 23  DC  B N4    1 
ATOM   437 C  C5    . DC  B 1 11 ? -7.377  -8.072  11.567  1.00 50.18  ? 23  DC  B C5    1 
ATOM   438 C  C6    . DC  B 1 11 ? -6.711  -7.656  12.651  1.00 49.08  ? 23  DC  B C6    1 
ATOM   439 P  P     . DG  B 1 12 ? -5.453  -5.743  18.623  1.00 48.94  ? 24  DG  B P     1 
ATOM   440 O  OP1   . DG  B 1 12 ? -5.571  -4.464  19.286  1.00 48.02  ? 24  DG  B OP1   1 
ATOM   441 O  OP2   . DG  B 1 12 ? -4.456  -6.754  19.041  1.00 52.38  ? 24  DG  B OP2   1 
ATOM   442 O  "O5'" . DG  B 1 12 ? -6.901  -6.423  18.611  1.00 47.92  ? 24  DG  B "O5'" 1 
ATOM   443 C  "C5'" . DG  B 1 12 ? -8.132  -5.672  18.400  1.00 48.79  ? 24  DG  B "C5'" 1 
ATOM   444 C  "C4'" . DG  B 1 12 ? -9.345  -6.575  18.513  1.00 49.30  ? 24  DG  B "C4'" 1 
ATOM   445 O  "O4'" . DG  B 1 12 ? -9.186  -7.727  17.653  1.00 52.39  ? 24  DG  B "O4'" 1 
ATOM   446 C  "C3'" . DG  B 1 12 ? -9.591  -7.134  19.919  1.00 50.97  ? 24  DG  B "C3'" 1 
ATOM   447 O  "O3'" . DG  B 1 12 ? -10.692 -6.480  20.564  1.00 56.24  ? 24  DG  B "O3'" 1 
ATOM   448 C  "C2'" . DG  B 1 12 ? -9.952  -8.590  19.681  1.00 53.24  ? 24  DG  B "C2'" 1 
ATOM   449 C  "C1'" . DG  B 1 12 ? -9.227  -8.945  18.404  1.00 49.76  ? 24  DG  B "C1'" 1 
ATOM   450 N  N9    . DG  B 1 12 ? -7.855  -9.428  18.525  1.00 50.47  ? 24  DG  B N9    1 
ATOM   451 C  C8    . DG  B 1 12 ? -7.039  -9.393  19.631  1.00 49.74  ? 24  DG  B C8    1 
ATOM   452 N  N7    . DG  B 1 12 ? -5.827  -9.812  19.386  1.00 52.07  ? 24  DG  B N7    1 
ATOM   453 C  C5    . DG  B 1 12 ? -5.840  -10.139 18.037  1.00 41.98  ? 24  DG  B C5    1 
ATOM   454 C  C6    . DG  B 1 12 ? -4.809  -10.630 17.206  1.00 48.71  ? 24  DG  B C6    1 
ATOM   455 O  O6    . DG  B 1 12 ? -3.632  -10.887 17.504  1.00 57.72  ? 24  DG  B O6    1 
ATOM   456 N  N1    . DG  B 1 12 ? -5.256  -10.833 15.905  1.00 50.19  ? 24  DG  B N1    1 
ATOM   457 C  C2    . DG  B 1 12 ? -6.533  -10.579 15.459  1.00 50.22  ? 24  DG  B C2    1 
ATOM   458 N  N2    . DG  B 1 12 ? -6.764  -10.800 14.158  1.00 47.42  ? 24  DG  B N2    1 
ATOM   459 N  N3    . DG  B 1 12 ? -7.493  -10.089 16.219  1.00 48.51  ? 24  DG  B N3    1 
ATOM   460 C  C4    . DG  B 1 12 ? -7.079  -9.888  17.486  1.00 48.98  ? 24  DG  B C4    1 
HETATM 461 CA CA    . CA  C 2 .  ? 3.138   2.710   -20.495 1.00 50.88  ? 101 CA  A CA    1 
HETATM 462 CA CA    . CA  D 2 .  ? 0.149   -4.061  10.016  1.00 77.28  ? 102 CA  A CA    1 
HETATM 463 CA CA    . CA  E 2 .  ? 3.487   8.991   -20.833 0.33 37.81  ? 103 CA  A CA    1 
HETATM 464 CA CA    . CA  F 2 .  ? 0.039   2.122   -10.104 1.00 96.96  ? 101 CA  B CA    1 
HETATM 465 O  O     . HOH G 3 .  ? 1.007   -4.680  -1.616  1.00 57.22  ? 201 HOH A O     1 
HETATM 466 O  O     . HOH G 3 .  ? 1.465   10.394  -16.055 1.00 47.27  ? 202 HOH A O     1 
HETATM 467 O  O     . HOH G 3 .  ? 11.113  13.606  -16.449 1.00 48.40  ? 203 HOH A O     1 
HETATM 468 O  O     . HOH H 3 .  ? -13.409 -6.562  20.623  1.00 47.70  ? 201 HOH B O     1 
HETATM 469 O  O     . HOH H 3 .  ? -3.886  -4.575  11.658  1.00 39.50  ? 202 HOH B O     1 
# 
